data_7RPJ
#
_entry.id   7RPJ
#
loop_
_entity.id
_entity.type
_entity.pdbx_description
1 polymer 'Protein dispatched homolog 1'
2 non-polymer 2-acetamido-2-deoxy-beta-D-glucopyranose
3 non-polymer 'CHOLESTEROL HEMISUCCINATE'
#
_entity_poly.entity_id   1
_entity_poly.type   'polypeptide(L)'
_entity_poly.pdbx_seq_one_letter_code
;MARPFKFPRSYAALLADWPVVVLGMCTLLIVVCALVGVLVPELPDFSDPLLGFEPRGTTIGQRLVTWNNMMRNTGYKATL
ANYPYKYAEEQARSHRDDRWSDDHHERERREVDWNFQKDSFFCDVPSDGYSRVVFASAGGETLWNLPAIKSMCDVDNSRI
RSHPQFSDLCQRTTAVSCCPSWTLGNYIAILNNRSSCQKIVERDVSHTLKLLRTCAKHYQNGTLGPDCWDKAARRKDQLK
CTNVPRKCTKYNAVYQILHYLVDKDFMTPKTADYAVPALKYSMLFSPTEKGESMMNIYLDNFENWNSSDGITTVTGIEFG
IKHSLFQDYLLMDTVYPAIAIAIVLLIMCVYTKSMFITLMTMFAIISSLIVSYFLYRVVFNFEFFPFMNLTALIILVGIG
ANNAFVLCDVWNYTKFDKPRAETSEAVSVTLQHAALSMFVTSFTTAAAFYANYVSNITAIRCFGVYAGTAILVNYVLMVT
WLPAVIVLHERYLLNIFTCFRKPQPQAYDKSCWAVLCQKCRRVLFAVSEASRIFFEKVLPCIVIKFRYLWLIWFLALTVG
GAYIVCVNPKMKLPSLELSEFQVFRSSHPFERYDAEFKKLFMFERVHHGEELHMPITVIWGVSPEDSGDPLNPKSKGELT
LDSTFNIASPASQAWILHFCQKLRNQTFFHQTEQQDFTSCFIETFKQWMENQDCDEPALYPCCSHCSFPYKQEVFELCIK
KAIMELDRSTGYHLNNKTPGPRFDINDTIRAVVLEFQSTFLFTLAYEKMQQFYKEVDSWISHELSSAPEGLSRGWFVSNL
EFYDLQDSLSDGTLIAMGLSVAVAFSVMLLTTWNIIISLYAIVSIAGTIFVTVGSLVLLGWELNVLESVTISVAVGLSVN
FAVHYGVAYRLAPDPDREGKVIFSLSRMGSAIAMAALTTFVAGAMMMPSTVLAYTQLGTFMMLVMCVSWAFATFFFQCLC
RCLGPQGTCGQIPFPTKLQCSPFSHTLSARPGDRGPSKTHAASAYSVDARGQKSQLEHEFYELQPLASHSCTSSEKTTYE
EPHTCSEFFNGQAKNLRMPVPAAYSSELTKSPSSEPGSALLQSCLEQDTVCHFSLNPRCNCRDAYTHLQYGLPEIHCQQM
GDSLCHKCASTAGGFVQIQSSVAPLKASHQAAEGLLHPAQHMLPPGMQNSRPRNFFLHSVQHFQAQENLGRTSTHSTDER
LPRTAELSPPPSDSRSTESFQRACCHPENNQRRLCKSRDPGDTEGSGGTKSKVSGLPNQTDKEEKQVEPSLLQTDETVNS
EHLNHNESNFTFSHLPGEAGCRSCPNSPQSCRSIMRSKCGTEDCQTPNLEANVPAVPTHSDLSGESLLIKTL
;
_entity_poly.pdbx_strand_id   A
#
loop_
_chem_comp.id
_chem_comp.type
_chem_comp.name
_chem_comp.formula
NAG D-saccharide, beta linking 2-acetamido-2-deoxy-beta-D-glucopyranose 'C8 H15 N O6'
Y01 non-polymer 'CHOLESTEROL HEMISUCCINATE' 'C31 H50 O4'
#
# COMPACT_ATOMS: atom_id res chain seq x y z
N PHE A 5 -9.11 19.89 48.55
CA PHE A 5 -7.66 19.92 48.66
C PHE A 5 -7.09 21.36 48.59
N LYS A 6 -5.83 21.53 48.99
CA LYS A 6 -5.11 22.81 49.06
C LYS A 6 -5.00 23.49 47.67
N PHE A 7 -5.07 24.81 47.64
CA PHE A 7 -5.12 25.58 46.39
C PHE A 7 -3.87 26.46 46.16
N PRO A 8 -3.16 26.28 45.03
CA PRO A 8 -2.14 27.20 44.54
C PRO A 8 -2.75 28.25 43.58
N ARG A 9 -2.30 29.51 43.68
CA ARG A 9 -2.85 30.62 42.88
C ARG A 9 -2.41 30.75 41.40
N SER A 10 -1.63 29.79 40.92
CA SER A 10 -1.18 29.75 39.52
C SER A 10 -0.91 28.31 39.06
N TYR A 11 -1.06 28.03 37.77
CA TYR A 11 -0.75 26.72 37.21
C TYR A 11 0.73 26.35 37.41
N ALA A 12 1.64 27.29 37.15
CA ALA A 12 3.05 27.08 37.42
C ALA A 12 3.33 26.87 38.91
N ALA A 13 2.43 27.30 39.80
CA ALA A 13 2.53 26.99 41.21
C ALA A 13 1.96 25.61 41.50
N LEU A 14 0.91 25.15 40.83
CA LEU A 14 0.40 23.78 40.95
C LEU A 14 1.49 22.74 40.62
N LEU A 15 2.23 22.99 39.53
CA LEU A 15 3.42 22.20 39.20
C LEU A 15 4.43 22.19 40.35
N ALA A 16 4.85 23.37 40.81
CA ALA A 16 5.86 23.49 41.86
C ALA A 16 5.42 22.89 43.20
N ASP A 17 4.15 23.04 43.55
CA ASP A 17 3.61 22.82 44.90
C ASP A 17 3.03 21.41 45.07
N TRP A 18 2.22 20.95 44.12
CA TRP A 18 1.63 19.61 44.14
C TRP A 18 1.80 18.89 42.81
N PRO A 19 3.04 18.66 42.37
CA PRO A 19 3.31 17.89 41.17
C PRO A 19 2.72 16.48 41.24
N VAL A 20 2.72 15.86 42.41
CA VAL A 20 2.20 14.49 42.54
C VAL A 20 0.73 14.41 42.14
N VAL A 21 -0.06 15.47 42.36
CA VAL A 21 -1.45 15.52 41.91
C VAL A 21 -1.52 15.37 40.40
N VAL A 22 -0.64 16.06 39.68
CA VAL A 22 -0.57 15.98 38.22
C VAL A 22 -0.25 14.56 37.81
N LEU A 23 0.77 13.93 38.41
CA LEU A 23 1.11 12.57 38.04
C LEU A 23 -0.01 11.59 38.37
N GLY A 24 -0.67 11.71 39.52
CA GLY A 24 -1.77 10.84 39.91
C GLY A 24 -2.91 10.97 38.91
N MET A 25 -3.33 12.20 38.65
CA MET A 25 -4.36 12.52 37.67
C MET A 25 -4.02 11.92 36.30
N CYS A 26 -2.82 12.15 35.80
CA CYS A 26 -2.44 11.63 34.50
C CYS A 26 -2.39 10.11 34.51
N THR A 27 -1.74 9.46 35.45
CA THR A 27 -1.67 7.98 35.46
C THR A 27 -3.04 7.34 35.56
N LEU A 28 -3.95 7.90 36.36
CA LEU A 28 -5.35 7.50 36.38
C LEU A 28 -5.93 7.56 34.96
N LEU A 29 -5.80 8.71 34.30
CA LEU A 29 -6.43 8.92 33.01
C LEU A 29 -5.78 8.10 31.88
N ILE A 30 -4.49 7.78 31.97
CA ILE A 30 -3.91 6.76 31.11
C ILE A 30 -4.58 5.41 31.36
N VAL A 31 -4.63 4.97 32.62
CA VAL A 31 -5.02 3.60 32.91
C VAL A 31 -6.48 3.35 32.60
N VAL A 32 -7.38 4.30 32.83
CA VAL A 32 -8.76 4.11 32.40
C VAL A 32 -8.88 4.02 30.89
N CYS A 33 -8.10 4.79 30.13
CA CYS A 33 -8.08 4.64 28.68
C CYS A 33 -7.54 3.30 28.27
N ALA A 34 -6.45 2.83 28.87
CA ALA A 34 -5.94 1.50 28.60
C ALA A 34 -7.07 0.47 28.80
N LEU A 35 -7.75 0.52 29.94
CA LEU A 35 -8.82 -0.40 30.24
C LEU A 35 -9.93 -0.33 29.21
N VAL A 36 -10.53 0.83 28.99
CA VAL A 36 -11.66 0.92 28.07
C VAL A 36 -11.22 0.52 26.67
N GLY A 37 -10.03 0.98 26.25
CA GLY A 37 -9.47 0.67 24.96
C GLY A 37 -9.20 -0.82 24.77
N VAL A 38 -8.88 -1.55 25.82
CA VAL A 38 -8.74 -3.01 25.76
C VAL A 38 -10.09 -3.72 25.81
N LEU A 39 -11.04 -3.21 26.58
CA LEU A 39 -12.30 -3.89 26.84
C LEU A 39 -13.34 -3.67 25.74
N VAL A 40 -13.59 -2.42 25.38
CA VAL A 40 -14.82 -2.08 24.66
C VAL A 40 -14.72 -2.25 23.15
N PRO A 41 -13.79 -1.58 22.44
CA PRO A 41 -13.69 -1.74 21.01
C PRO A 41 -13.01 -3.06 20.68
N GLU A 42 -13.47 -3.72 19.63
CA GLU A 42 -12.91 -4.98 19.17
C GLU A 42 -11.47 -4.82 18.67
N LEU A 43 -10.62 -5.80 18.92
CA LEU A 43 -9.20 -5.71 18.59
C LEU A 43 -8.96 -5.58 17.08
N PRO A 44 -7.99 -4.75 16.65
CA PRO A 44 -7.60 -4.68 15.26
C PRO A 44 -7.15 -6.03 14.73
N ASP A 45 -7.24 -6.21 13.43
CA ASP A 45 -6.79 -7.41 12.76
C ASP A 45 -6.04 -7.07 11.50
N PHE A 46 -4.92 -7.73 11.28
CA PHE A 46 -4.06 -7.56 10.11
C PHE A 46 -3.95 -8.83 9.29
N SER A 47 -4.80 -9.83 9.54
CA SER A 47 -4.91 -11.03 8.71
C SER A 47 -5.17 -10.72 7.23
N ASP A 48 -5.66 -9.51 6.93
CA ASP A 48 -5.64 -8.94 5.59
C ASP A 48 -4.84 -7.62 5.58
N PRO A 49 -3.56 -7.63 5.24
CA PRO A 49 -2.75 -6.43 5.25
C PRO A 49 -3.18 -5.40 4.21
N LEU A 50 -4.04 -5.72 3.25
CA LEU A 50 -4.51 -4.76 2.25
C LEU A 50 -5.77 -4.00 2.68
N LEU A 51 -6.36 -4.31 3.85
CA LEU A 51 -7.80 -4.15 4.08
C LEU A 51 -8.40 -2.79 3.69
N GLY A 52 -7.76 -1.68 4.00
CA GLY A 52 -8.29 -0.34 3.71
C GLY A 52 -7.78 0.32 2.43
N PHE A 53 -7.03 -0.37 1.57
CA PHE A 53 -6.51 0.21 0.33
C PHE A 53 -7.64 0.28 -0.70
N GLU A 54 -8.49 1.27 -0.57
CA GLU A 54 -9.73 1.40 -1.33
C GLU A 54 -10.10 2.87 -1.36
N PRO A 55 -10.10 3.54 -2.50
CA PRO A 55 -10.70 4.86 -2.59
C PRO A 55 -12.19 4.75 -2.41
N ARG A 56 -12.78 5.69 -1.69
CA ARG A 56 -14.16 5.58 -1.48
C ARG A 56 -14.97 6.60 -2.25
N GLY A 57 -14.84 7.93 -1.95
CA GLY A 57 -15.74 8.97 -2.44
C GLY A 57 -15.69 9.23 -3.95
N THR A 58 -14.67 8.71 -4.63
CA THR A 58 -14.44 8.90 -6.07
C THR A 58 -15.65 8.48 -6.88
N THR A 59 -15.97 9.20 -7.96
CA THR A 59 -17.14 8.83 -8.77
C THR A 59 -17.02 7.41 -9.28
N ILE A 60 -15.83 6.99 -9.73
CA ILE A 60 -15.60 5.62 -10.15
C ILE A 60 -15.77 4.65 -8.98
N GLY A 61 -15.34 5.02 -7.78
CA GLY A 61 -15.52 4.19 -6.60
C GLY A 61 -17.00 4.02 -6.30
N GLN A 62 -17.78 5.07 -6.29
CA GLN A 62 -19.20 4.96 -5.99
C GLN A 62 -19.89 4.08 -7.02
N ARG A 63 -19.56 4.25 -8.30
CA ARG A 63 -20.08 3.39 -9.34
C ARG A 63 -19.67 1.96 -9.11
N LEU A 64 -18.41 1.68 -8.80
CA LEU A 64 -17.97 0.32 -8.57
C LEU A 64 -18.66 -0.33 -7.40
N VAL A 65 -18.76 0.32 -6.24
CA VAL A 65 -19.41 -0.34 -5.11
C VAL A 65 -20.88 -0.54 -5.38
N THR A 66 -21.53 0.36 -6.10
CA THR A 66 -22.90 0.14 -6.51
C THR A 66 -23.00 -1.08 -7.38
N TRP A 67 -22.14 -1.21 -8.37
CA TRP A 67 -22.14 -2.38 -9.24
C TRP A 67 -21.87 -3.64 -8.46
N ASN A 68 -20.89 -3.61 -7.58
CA ASN A 68 -20.55 -4.75 -6.77
C ASN A 68 -21.75 -5.14 -5.91
N ASN A 69 -22.46 -4.17 -5.33
CA ASN A 69 -23.66 -4.44 -4.58
C ASN A 69 -24.72 -5.09 -5.43
N MET A 70 -24.91 -4.67 -6.67
CA MET A 70 -25.88 -5.33 -7.55
C MET A 70 -25.50 -6.78 -7.75
N MET A 71 -24.24 -7.07 -8.06
CA MET A 71 -23.81 -8.45 -8.25
C MET A 71 -24.05 -9.28 -7.01
N ARG A 72 -23.81 -8.70 -5.83
CA ARG A 72 -23.99 -9.38 -4.56
C ARG A 72 -25.44 -9.65 -4.26
N ASN A 73 -26.32 -8.70 -4.50
CA ASN A 73 -27.74 -8.81 -4.15
C ASN A 73 -28.57 -9.58 -5.16
N THR A 74 -28.15 -9.66 -6.41
CA THR A 74 -28.92 -10.36 -7.45
C THR A 74 -29.00 -11.85 -7.15
N GLY A 75 -30.20 -12.43 -7.01
CA GLY A 75 -30.31 -13.84 -6.74
C GLY A 75 -31.63 -14.42 -6.25
N TYR A 76 -32.42 -15.01 -7.14
CA TYR A 76 -33.68 -15.68 -6.77
C TYR A 76 -34.73 -14.75 -6.04
N LYS A 77 -35.26 -15.06 -4.85
CA LYS A 77 -36.27 -14.23 -4.20
C LYS A 77 -35.77 -12.84 -3.85
N ALA A 78 -34.49 -12.75 -3.50
CA ALA A 78 -33.80 -11.51 -3.14
C ALA A 78 -34.00 -10.27 -4.04
N THR A 79 -33.63 -9.09 -3.52
CA THR A 79 -33.80 -7.83 -4.25
C THR A 79 -33.04 -7.85 -5.58
N LEU A 80 -33.57 -7.18 -6.61
CA LEU A 80 -32.92 -7.04 -7.90
C LEU A 80 -32.62 -8.39 -8.57
N ALA A 81 -33.65 -9.20 -8.80
CA ALA A 81 -33.53 -10.53 -9.35
C ALA A 81 -33.23 -10.57 -10.85
N ASN A 82 -32.72 -11.69 -11.33
CA ASN A 82 -32.24 -11.86 -12.70
C ASN A 82 -33.28 -12.40 -13.67
N TYR A 83 -34.38 -12.94 -13.14
CA TYR A 83 -35.48 -13.49 -13.92
C TYR A 83 -36.77 -13.02 -13.26
N PRO A 84 -37.94 -13.07 -14.00
CA PRO A 84 -39.23 -12.73 -13.44
C PRO A 84 -39.81 -13.93 -12.68
N TYR A 85 -39.29 -14.21 -11.49
CA TYR A 85 -39.61 -15.46 -10.79
C TYR A 85 -41.09 -15.63 -10.46
N LYS A 86 -41.83 -14.56 -10.17
CA LYS A 86 -43.28 -14.65 -9.99
C LYS A 86 -43.93 -15.13 -11.28
N TYR A 87 -43.59 -14.55 -12.43
CA TYR A 87 -44.03 -15.07 -13.72
C TYR A 87 -43.55 -16.49 -13.95
N ALA A 88 -42.37 -16.84 -13.44
CA ALA A 88 -41.83 -18.18 -13.54
C ALA A 88 -42.63 -19.23 -12.73
N GLU A 89 -43.60 -18.84 -11.92
CA GLU A 89 -44.64 -19.77 -11.46
C GLU A 89 -45.73 -20.00 -12.51
N GLU A 90 -46.14 -18.96 -13.21
CA GLU A 90 -47.24 -19.02 -14.17
C GLU A 90 -46.93 -19.98 -15.32
N GLN A 91 -45.68 -19.98 -15.78
CA GLN A 91 -45.21 -20.96 -16.75
C GLN A 91 -45.22 -22.40 -16.21
N ALA A 92 -45.05 -22.61 -14.90
CA ALA A 92 -45.20 -23.94 -14.29
C ALA A 92 -46.68 -24.36 -14.19
N ARG A 93 -47.58 -23.41 -14.09
CA ARG A 93 -49.00 -23.74 -14.12
C ARG A 93 -49.52 -23.95 -15.57
N SER A 94 -48.89 -23.28 -16.54
CA SER A 94 -49.28 -23.36 -17.95
C SER A 94 -49.29 -24.79 -18.52
N TRP A 114 6.71 -44.27 -6.18
CA TRP A 114 6.31 -44.14 -7.58
C TRP A 114 7.35 -44.73 -8.55
N ASN A 115 6.94 -45.13 -9.75
CA ASN A 115 7.80 -45.76 -10.73
C ASN A 115 7.34 -45.41 -12.14
N PHE A 116 7.90 -44.35 -12.73
CA PHE A 116 7.49 -43.90 -14.06
C PHE A 116 7.58 -44.95 -15.16
N GLN A 117 8.50 -45.91 -15.11
CA GLN A 117 8.55 -46.93 -16.17
C GLN A 117 7.41 -47.95 -16.09
N LYS A 118 6.55 -47.86 -15.07
CA LYS A 118 5.16 -48.34 -15.12
C LYS A 118 4.16 -47.18 -15.17
N ASP A 119 4.44 -46.16 -14.40
CA ASP A 119 3.60 -45.00 -14.14
C ASP A 119 3.86 -43.87 -15.14
N SER A 120 3.84 -44.20 -16.43
CA SER A 120 4.31 -43.31 -17.51
C SER A 120 3.28 -42.23 -17.87
N PHE A 121 2.91 -41.43 -16.87
CA PHE A 121 1.88 -40.40 -16.91
C PHE A 121 2.02 -39.47 -15.72
N PHE A 122 1.33 -38.34 -15.74
CA PHE A 122 1.23 -37.41 -14.60
C PHE A 122 -0.21 -37.26 -14.16
N CYS A 123 -0.41 -37.03 -12.85
CA CYS A 123 -1.74 -36.92 -12.27
C CYS A 123 -2.52 -35.73 -12.84
N ASP A 124 -1.83 -34.72 -13.35
CA ASP A 124 -2.38 -33.66 -14.20
C ASP A 124 -1.26 -32.97 -15.01
N VAL A 125 -1.60 -32.10 -15.94
CA VAL A 125 -0.67 -31.06 -16.40
C VAL A 125 -0.64 -29.94 -15.36
N PRO A 126 0.53 -29.48 -14.91
CA PRO A 126 0.61 -28.48 -13.86
C PRO A 126 0.15 -27.12 -14.37
N SER A 127 -0.05 -26.22 -13.43
CA SER A 127 -0.59 -24.88 -13.63
C SER A 127 -0.32 -24.04 -12.39
N ASP A 128 -0.51 -22.74 -12.46
CA ASP A 128 -0.79 -22.02 -11.22
C ASP A 128 -1.99 -22.67 -10.52
N GLY A 129 -2.10 -22.47 -9.21
CA GLY A 129 -3.01 -23.25 -8.36
C GLY A 129 -2.32 -24.44 -7.72
N TYR A 130 -1.23 -24.95 -8.28
CA TYR A 130 -0.32 -25.81 -7.52
C TYR A 130 0.73 -25.00 -6.79
N SER A 131 1.14 -25.50 -5.64
CA SER A 131 2.28 -24.95 -4.90
C SER A 131 3.56 -25.18 -5.65
N ARG A 132 4.39 -24.15 -5.81
CA ARG A 132 5.60 -24.32 -6.57
C ARG A 132 6.72 -23.41 -6.06
N VAL A 133 7.94 -23.79 -6.43
CA VAL A 133 9.20 -23.16 -6.02
C VAL A 133 10.05 -22.91 -7.23
N VAL A 134 10.92 -21.92 -7.21
CA VAL A 134 11.85 -21.63 -8.29
C VAL A 134 13.26 -21.79 -7.80
N PHE A 135 14.04 -22.57 -8.52
CA PHE A 135 15.43 -22.83 -8.25
C PHE A 135 16.37 -21.94 -9.04
N ALA A 136 17.42 -21.49 -8.37
CA ALA A 136 18.64 -21.04 -8.98
C ALA A 136 19.83 -21.84 -8.43
N SER A 137 21.05 -21.44 -8.74
CA SER A 137 22.28 -22.00 -8.16
C SER A 137 23.16 -20.88 -7.60
N ALA A 138 23.85 -21.12 -6.49
CA ALA A 138 24.70 -20.09 -5.87
C ALA A 138 25.93 -19.76 -6.73
N GLY A 139 26.38 -20.74 -7.51
CA GLY A 139 27.34 -20.61 -8.61
C GLY A 139 27.08 -21.68 -9.64
N GLY A 140 27.87 -21.70 -10.70
CA GLY A 140 27.61 -22.56 -11.86
C GLY A 140 26.59 -21.91 -12.79
N GLU A 141 26.88 -21.96 -14.08
CA GLU A 141 26.23 -21.10 -15.08
C GLU A 141 24.94 -21.69 -15.67
N THR A 142 24.62 -22.94 -15.36
CA THR A 142 23.42 -23.60 -15.87
C THR A 142 22.91 -24.66 -14.91
N LEU A 143 21.62 -24.62 -14.62
CA LEU A 143 20.94 -25.64 -13.84
C LEU A 143 20.78 -26.95 -14.61
N TRP A 144 21.09 -26.99 -15.91
CA TRP A 144 20.82 -28.17 -16.75
C TRP A 144 21.69 -29.40 -16.42
N ASN A 145 22.77 -29.27 -15.65
CA ASN A 145 23.63 -30.41 -15.32
C ASN A 145 22.91 -31.44 -14.42
N LEU A 146 23.26 -32.72 -14.55
CA LEU A 146 22.59 -33.78 -13.80
C LEU A 146 22.59 -33.57 -12.29
N PRO A 147 23.70 -33.18 -11.65
CA PRO A 147 23.70 -32.98 -10.21
C PRO A 147 22.68 -31.96 -9.78
N ALA A 148 22.59 -30.82 -10.47
CA ALA A 148 21.57 -29.83 -10.15
C ALA A 148 20.16 -30.41 -10.34
N ILE A 149 19.92 -31.14 -11.42
CA ILE A 149 18.63 -31.78 -11.64
C ILE A 149 18.30 -32.66 -10.44
N LYS A 150 19.21 -33.56 -10.07
CA LYS A 150 19.01 -34.43 -8.92
C LYS A 150 18.83 -33.62 -7.65
N SER A 151 19.53 -32.51 -7.51
CA SER A 151 19.37 -31.62 -6.35
C SER A 151 17.94 -31.15 -6.24
N MET A 152 17.31 -30.78 -7.34
CA MET A 152 15.94 -30.32 -7.30
C MET A 152 15.00 -31.43 -6.81
N CYS A 153 15.05 -32.62 -7.40
CA CYS A 153 14.15 -33.68 -6.97
C CYS A 153 14.48 -34.17 -5.55
N ASP A 154 15.76 -34.16 -5.18
CA ASP A 154 16.20 -34.46 -3.84
C ASP A 154 15.60 -33.49 -2.83
N VAL A 155 15.74 -32.19 -3.07
CA VAL A 155 15.30 -31.20 -2.10
C VAL A 155 13.78 -31.13 -2.03
N ASP A 156 13.08 -31.39 -3.12
CA ASP A 156 11.64 -31.65 -3.12
C ASP A 156 11.28 -32.78 -2.13
N ASN A 157 11.93 -33.94 -2.27
CA ASN A 157 11.71 -35.05 -1.35
C ASN A 157 12.01 -34.63 0.09
N SER A 158 13.17 -34.01 0.29
CA SER A 158 13.72 -33.70 1.61
C SER A 158 12.99 -32.59 2.35
N ARG A 159 12.37 -31.64 1.65
CA ARG A 159 11.67 -30.50 2.25
C ARG A 159 10.16 -30.64 2.23
N ILE A 160 9.59 -31.22 1.18
CA ILE A 160 8.14 -31.24 1.00
C ILE A 160 7.61 -32.63 1.25
N ARG A 161 8.06 -33.63 0.48
CA ARG A 161 7.46 -34.97 0.60
C ARG A 161 7.74 -35.62 1.96
N SER A 162 8.87 -35.25 2.56
CA SER A 162 9.27 -35.64 3.92
C SER A 162 8.29 -35.17 4.99
N HIS A 163 7.55 -34.10 4.76
CA HIS A 163 6.58 -33.61 5.72
C HIS A 163 5.40 -34.59 5.83
N PRO A 164 4.86 -34.87 7.02
CA PRO A 164 3.75 -35.80 7.15
C PRO A 164 2.51 -35.33 6.39
N GLN A 165 2.13 -34.08 6.57
CA GLN A 165 0.83 -33.57 6.12
C GLN A 165 0.69 -33.61 4.60
N PHE A 166 1.80 -33.43 3.88
CA PHE A 166 1.89 -33.53 2.42
C PHE A 166 1.19 -34.77 1.87
N SER A 167 1.38 -35.90 2.55
CA SER A 167 0.81 -37.17 2.13
C SER A 167 -0.72 -37.13 2.08
N ASP A 168 -1.33 -36.27 2.89
CA ASP A 168 -2.77 -36.04 2.91
C ASP A 168 -3.18 -34.88 2.00
N LEU A 169 -2.30 -33.89 1.81
CA LEU A 169 -2.57 -32.78 0.89
C LEU A 169 -2.57 -33.20 -0.59
N CYS A 170 -1.82 -34.24 -0.91
CA CYS A 170 -1.54 -34.69 -2.27
C CYS A 170 -2.81 -34.90 -3.12
N GLN A 171 -2.81 -34.45 -4.38
CA GLN A 171 -3.81 -34.85 -5.38
C GLN A 171 -3.53 -36.28 -5.86
N ARG A 172 -3.69 -37.22 -4.94
CA ARG A 172 -3.28 -38.61 -5.13
C ARG A 172 -4.15 -39.37 -6.12
N THR A 173 -3.65 -40.51 -6.57
CA THR A 173 -4.45 -41.58 -7.23
C THR A 173 -4.51 -42.87 -6.41
N THR A 174 -3.64 -43.02 -5.42
CA THR A 174 -3.55 -44.17 -4.52
C THR A 174 -2.88 -43.75 -3.21
N ALA A 175 -3.04 -44.53 -2.15
CA ALA A 175 -2.33 -44.30 -0.90
C ALA A 175 -0.84 -44.72 -0.94
N VAL A 176 -0.45 -45.66 -1.81
CA VAL A 176 0.84 -46.38 -1.75
C VAL A 176 2.06 -45.45 -1.90
N SER A 177 1.99 -44.59 -2.92
CA SER A 177 2.89 -43.47 -3.18
C SER A 177 2.03 -42.48 -3.95
N CYS A 178 1.73 -41.34 -3.33
CA CYS A 178 0.49 -40.63 -3.62
C CYS A 178 0.35 -40.10 -5.07
N CYS A 179 1.39 -39.42 -5.57
CA CYS A 179 1.54 -38.84 -6.91
C CYS A 179 2.93 -38.17 -7.06
N PRO A 180 3.57 -38.18 -8.24
CA PRO A 180 4.81 -37.44 -8.47
C PRO A 180 4.57 -35.94 -8.56
N SER A 181 5.58 -35.16 -8.20
CA SER A 181 5.67 -33.74 -8.53
C SER A 181 6.04 -33.51 -9.99
N TRP A 182 5.97 -32.27 -10.47
CA TRP A 182 6.50 -31.95 -11.79
C TRP A 182 7.80 -31.19 -11.65
N THR A 183 8.85 -31.72 -12.27
CA THR A 183 10.21 -31.20 -12.30
C THR A 183 10.95 -31.84 -13.46
N LEU A 184 12.04 -31.23 -13.95
CA LEU A 184 12.87 -31.84 -14.99
C LEU A 184 13.19 -33.27 -14.60
N GLY A 185 13.57 -33.47 -13.33
CA GLY A 185 13.95 -34.76 -12.77
C GLY A 185 12.92 -35.87 -12.96
N ASN A 186 11.66 -35.53 -13.17
CA ASN A 186 10.63 -36.50 -13.44
C ASN A 186 10.39 -36.65 -14.94
N TYR A 187 10.21 -35.56 -15.69
CA TYR A 187 10.01 -35.64 -17.13
C TYR A 187 11.16 -36.39 -17.81
N ILE A 188 12.38 -36.09 -17.41
CA ILE A 188 13.54 -36.76 -17.95
C ILE A 188 13.49 -38.26 -17.70
N ALA A 189 13.00 -38.69 -16.55
CA ALA A 189 12.91 -40.10 -16.24
C ALA A 189 11.95 -40.78 -17.20
N ILE A 190 10.72 -40.27 -17.34
CA ILE A 190 9.73 -40.88 -18.23
C ILE A 190 10.23 -40.88 -19.67
N LEU A 191 10.84 -39.78 -20.12
CA LEU A 191 11.34 -39.69 -21.50
C LEU A 191 12.49 -40.63 -21.80
N ASN A 192 13.11 -41.21 -20.77
CA ASN A 192 14.14 -42.22 -20.90
C ASN A 192 13.73 -43.54 -20.23
N ASN A 193 12.42 -43.73 -19.99
CA ASN A 193 11.84 -44.89 -19.33
C ASN A 193 12.60 -45.35 -18.08
N ARG A 194 13.02 -44.40 -17.26
CA ARG A 194 13.69 -44.75 -16.01
C ARG A 194 12.62 -44.84 -14.92
N SER A 195 12.93 -45.46 -13.79
CA SER A 195 11.93 -45.57 -12.71
C SER A 195 11.62 -44.22 -12.05
N SER A 196 12.63 -43.38 -11.86
CA SER A 196 12.52 -42.13 -11.11
C SER A 196 13.72 -41.23 -11.38
N CYS A 197 13.66 -39.99 -10.88
CA CYS A 197 14.78 -39.04 -10.91
C CYS A 197 16.09 -39.64 -10.38
N GLN A 198 16.03 -40.48 -9.35
CA GLN A 198 17.22 -41.09 -8.75
C GLN A 198 17.94 -42.09 -9.68
N LYS A 199 17.28 -42.58 -10.73
CA LYS A 199 17.85 -43.55 -11.69
C LYS A 199 18.57 -42.93 -12.88
N ILE A 200 18.33 -41.65 -13.17
CA ILE A 200 18.68 -41.06 -14.46
C ILE A 200 20.19 -40.87 -14.64
N VAL A 201 20.63 -40.65 -15.88
CA VAL A 201 22.05 -40.50 -16.27
C VAL A 201 22.27 -39.37 -17.26
N GLU A 202 23.49 -38.87 -17.41
CA GLU A 202 23.79 -37.77 -18.35
C GLU A 202 23.47 -38.12 -19.81
N ARG A 203 23.40 -39.41 -20.16
CA ARG A 203 22.86 -39.82 -21.47
C ARG A 203 21.41 -39.38 -21.64
N ASP A 204 20.62 -39.43 -20.58
CA ASP A 204 19.25 -38.95 -20.57
C ASP A 204 19.21 -37.43 -20.72
N VAL A 205 20.08 -36.74 -20.00
CA VAL A 205 20.14 -35.27 -19.99
C VAL A 205 20.53 -34.74 -21.35
N SER A 206 21.54 -35.34 -21.97
CA SER A 206 21.94 -35.00 -23.33
C SER A 206 20.85 -35.40 -24.33
N HIS A 207 20.23 -36.56 -24.19
CA HIS A 207 19.16 -36.98 -25.09
C HIS A 207 17.94 -36.05 -25.02
N THR A 208 17.53 -35.69 -23.81
CA THR A 208 16.48 -34.70 -23.62
C THR A 208 16.90 -33.35 -24.16
N LEU A 209 18.14 -32.92 -23.94
CA LEU A 209 18.62 -31.68 -24.52
C LEU A 209 18.53 -31.71 -26.05
N LYS A 210 18.89 -32.84 -26.67
CA LYS A 210 18.72 -33.05 -28.12
C LYS A 210 17.25 -32.96 -28.52
N LEU A 211 16.35 -33.57 -27.76
CA LEU A 211 14.92 -33.44 -27.98
C LEU A 211 14.52 -31.97 -27.98
N LEU A 212 14.89 -31.23 -26.95
CA LEU A 212 14.47 -29.83 -26.84
C LEU A 212 15.10 -28.97 -27.93
N ARG A 213 16.41 -29.11 -28.19
CA ARG A 213 17.09 -28.38 -29.27
C ARG A 213 16.48 -28.69 -30.64
N THR A 214 15.95 -29.89 -30.82
CA THR A 214 15.17 -30.23 -32.02
C THR A 214 13.80 -29.54 -31.98
N CYS A 215 13.09 -29.75 -30.89
CA CYS A 215 11.73 -29.25 -30.75
C CYS A 215 11.52 -27.84 -30.23
N ALA A 216 12.59 -27.08 -30.03
CA ALA A 216 12.43 -25.73 -29.54
C ALA A 216 11.65 -24.88 -30.54
N LYS A 217 11.97 -25.04 -31.81
CA LYS A 217 11.33 -24.27 -32.87
C LYS A 217 9.83 -24.53 -32.99
N HIS A 218 9.40 -25.78 -32.89
CA HIS A 218 7.98 -26.08 -33.03
C HIS A 218 7.16 -25.41 -31.94
N TYR A 219 7.67 -25.45 -30.72
CA TYR A 219 6.94 -24.89 -29.59
C TYR A 219 6.71 -23.38 -29.65
N GLN A 220 7.71 -22.63 -30.11
CA GLN A 220 7.58 -21.18 -30.16
C GLN A 220 6.43 -20.75 -31.06
N ASN A 221 6.27 -21.43 -32.19
CA ASN A 221 5.18 -21.18 -33.14
C ASN A 221 3.82 -21.48 -32.54
N GLY A 222 3.79 -22.52 -31.70
CA GLY A 222 2.55 -23.00 -31.11
C GLY A 222 1.99 -24.17 -31.91
N THR A 223 2.73 -24.62 -32.93
CA THR A 223 2.36 -25.74 -33.77
C THR A 223 2.42 -26.97 -32.90
N LEU A 224 3.45 -27.05 -32.07
CA LEU A 224 3.63 -28.11 -31.07
C LEU A 224 2.91 -27.63 -29.81
N GLY A 225 1.59 -27.60 -29.93
CA GLY A 225 0.68 -27.09 -28.93
C GLY A 225 0.46 -27.86 -27.64
N PRO A 226 -0.40 -27.32 -26.77
CA PRO A 226 -0.69 -27.94 -25.47
C PRO A 226 -1.40 -29.30 -25.50
N ASP A 227 -2.38 -29.54 -26.35
CA ASP A 227 -3.10 -30.82 -26.31
C ASP A 227 -2.56 -31.92 -27.25
N CYS A 228 -2.01 -33.04 -26.74
CA CYS A 228 -1.47 -34.09 -27.58
C CYS A 228 -1.58 -35.44 -26.89
N TRP A 229 -1.39 -36.53 -27.64
CA TRP A 229 -1.52 -37.90 -27.14
C TRP A 229 -2.84 -38.13 -26.40
N CYS A 241 0.92 -30.16 -32.14
CA CYS A 241 0.89 -31.62 -32.01
C CYS A 241 0.73 -32.35 -33.35
N THR A 242 -0.37 -32.11 -34.08
CA THR A 242 -0.74 -32.94 -35.25
C THR A 242 0.18 -32.73 -36.47
N ASN A 243 0.74 -31.53 -36.62
CA ASN A 243 1.67 -31.17 -37.70
C ASN A 243 3.16 -31.38 -37.35
N VAL A 244 3.44 -32.07 -36.25
CA VAL A 244 4.77 -32.20 -35.62
C VAL A 244 5.10 -33.68 -35.43
N PRO A 245 6.38 -34.12 -35.48
CA PRO A 245 6.70 -35.53 -35.29
C PRO A 245 6.21 -36.06 -33.94
N ARG A 246 5.38 -37.12 -33.94
CA ARG A 246 4.78 -37.73 -32.74
C ARG A 246 5.75 -38.10 -31.62
N LYS A 247 6.96 -38.46 -32.00
CA LYS A 247 8.12 -38.74 -31.13
C LYS A 247 8.58 -37.54 -30.29
N CYS A 248 8.45 -36.33 -30.83
CA CYS A 248 8.76 -35.10 -30.11
C CYS A 248 7.81 -34.86 -28.93
N THR A 249 6.62 -35.46 -28.96
CA THR A 249 5.47 -35.06 -28.14
C THR A 249 4.72 -36.25 -27.54
N LYS A 250 5.40 -37.37 -27.33
CA LYS A 250 4.74 -38.67 -27.12
C LYS A 250 3.94 -38.77 -25.82
N TYR A 251 4.49 -38.22 -24.73
CA TYR A 251 3.77 -38.04 -23.46
C TYR A 251 3.21 -36.61 -23.33
N ASN A 252 2.99 -35.93 -24.44
CA ASN A 252 2.69 -34.51 -24.50
C ASN A 252 3.71 -33.63 -23.74
N ALA A 253 4.90 -34.17 -23.49
CA ALA A 253 5.77 -33.68 -22.44
C ALA A 253 6.43 -32.35 -22.80
N VAL A 254 6.99 -32.28 -24.00
CA VAL A 254 7.80 -31.15 -24.47
C VAL A 254 7.10 -29.83 -24.24
N TYR A 255 5.81 -29.75 -24.53
CA TYR A 255 5.05 -28.54 -24.32
C TYR A 255 5.12 -28.16 -22.85
N GLN A 256 4.78 -29.09 -21.98
CA GLN A 256 4.71 -28.84 -20.55
C GLN A 256 6.06 -28.38 -20.03
N ILE A 257 7.14 -29.02 -20.49
CA ILE A 257 8.49 -28.72 -20.05
C ILE A 257 8.83 -27.28 -20.39
N LEU A 258 8.64 -26.91 -21.65
CA LEU A 258 8.99 -25.58 -22.11
C LEU A 258 8.03 -24.53 -21.59
N HIS A 259 6.78 -24.89 -21.38
CA HIS A 259 5.76 -23.94 -21.02
C HIS A 259 5.72 -23.66 -19.52
N TYR A 260 5.96 -24.67 -18.67
CA TYR A 260 5.84 -24.53 -17.22
C TYR A 260 7.16 -24.60 -16.47
N LEU A 261 8.04 -25.53 -16.77
CA LEU A 261 9.14 -25.88 -15.86
C LEU A 261 10.37 -25.01 -16.01
N VAL A 262 10.47 -24.24 -17.08
CA VAL A 262 11.74 -23.75 -17.58
C VAL A 262 11.66 -22.28 -17.92
N ASP A 263 12.70 -21.54 -17.57
CA ASP A 263 12.88 -20.15 -17.94
C ASP A 263 12.61 -19.93 -19.43
N LYS A 264 11.75 -18.98 -19.80
CA LYS A 264 11.43 -18.67 -21.19
C LYS A 264 12.66 -18.32 -22.03
N ASP A 265 13.74 -17.88 -21.39
CA ASP A 265 15.01 -17.56 -22.04
C ASP A 265 15.94 -18.77 -22.22
N PHE A 266 15.59 -19.97 -21.77
CA PHE A 266 16.44 -21.16 -21.91
C PHE A 266 16.58 -21.64 -23.35
N MET A 267 15.46 -21.77 -24.05
CA MET A 267 15.45 -22.06 -25.48
C MET A 267 14.58 -21.06 -26.21
N THR A 268 15.09 -20.61 -27.35
CA THR A 268 14.80 -19.36 -28.06
C THR A 268 15.05 -19.57 -29.56
N PRO A 269 14.95 -18.56 -30.43
CA PRO A 269 15.45 -18.70 -31.81
C PRO A 269 16.97 -18.94 -31.86
N LYS A 270 17.70 -18.50 -30.83
CA LYS A 270 19.14 -18.73 -30.65
C LYS A 270 19.49 -20.11 -30.06
N THR A 271 18.53 -21.03 -29.94
CA THR A 271 18.74 -22.36 -29.35
C THR A 271 19.95 -23.12 -29.90
N ALA A 272 20.13 -23.15 -31.22
CA ALA A 272 21.28 -23.78 -31.88
C ALA A 272 22.51 -22.84 -32.02
N ASP A 273 22.30 -21.53 -31.92
CA ASP A 273 23.35 -20.51 -31.93
C ASP A 273 24.18 -20.55 -30.63
N TYR A 274 23.53 -20.87 -29.51
CA TYR A 274 24.19 -21.22 -28.26
C TYR A 274 25.11 -22.43 -28.48
N ALA A 275 26.32 -22.42 -27.91
CA ALA A 275 27.19 -23.60 -27.92
C ALA A 275 26.53 -24.75 -27.16
N VAL A 276 26.14 -24.49 -25.91
CA VAL A 276 25.16 -25.27 -25.15
C VAL A 276 24.19 -24.28 -24.48
N PRO A 277 22.87 -24.53 -24.49
CA PRO A 277 21.90 -23.65 -23.84
C PRO A 277 22.15 -23.56 -22.33
N ALA A 278 21.87 -22.39 -21.75
CA ALA A 278 22.11 -22.13 -20.34
C ALA A 278 20.80 -21.81 -19.61
N LEU A 279 20.55 -22.53 -18.52
CA LEU A 279 19.33 -22.45 -17.74
C LEU A 279 19.58 -21.65 -16.48
N LYS A 280 19.08 -20.42 -16.39
CA LYS A 280 19.23 -19.60 -15.17
C LYS A 280 18.31 -20.03 -14.05
N TYR A 281 17.12 -20.51 -14.39
CA TYR A 281 16.08 -20.84 -13.41
C TYR A 281 15.24 -22.02 -13.85
N SER A 282 14.66 -22.74 -12.90
CA SER A 282 13.61 -23.71 -13.17
C SER A 282 12.56 -23.64 -12.08
N MET A 283 11.33 -24.03 -12.39
CA MET A 283 10.24 -24.08 -11.44
C MET A 283 9.82 -25.51 -11.21
N LEU A 284 9.49 -25.85 -9.98
CA LEU A 284 9.07 -27.16 -9.57
C LEU A 284 7.71 -27.06 -8.92
N PHE A 285 6.78 -27.93 -9.33
CA PHE A 285 5.41 -27.91 -8.85
C PHE A 285 5.16 -29.12 -7.97
N SER A 286 4.66 -28.89 -6.77
CA SER A 286 4.11 -29.91 -5.88
C SER A 286 2.75 -30.36 -6.34
N PRO A 287 2.38 -31.63 -6.23
CA PRO A 287 1.03 -32.10 -6.43
C PRO A 287 0.12 -31.73 -5.24
N THR A 288 0.21 -30.50 -4.73
CA THR A 288 -0.62 -29.96 -3.64
C THR A 288 -1.01 -28.53 -3.94
N GLU A 289 -2.09 -28.07 -3.32
CA GLU A 289 -2.62 -26.75 -3.57
C GLU A 289 -1.62 -25.64 -3.24
N LYS A 290 -1.66 -24.59 -4.04
CA LYS A 290 -1.30 -23.24 -3.62
C LYS A 290 -2.38 -22.79 -2.66
N GLY A 291 -2.05 -22.48 -1.42
CA GLY A 291 -3.02 -21.97 -0.45
C GLY A 291 -2.63 -22.16 1.00
N GLU A 292 -3.51 -21.70 1.89
CA GLU A 292 -3.37 -21.73 3.35
C GLU A 292 -2.94 -23.08 3.89
N SER A 293 -3.36 -24.16 3.23
CA SER A 293 -3.01 -25.52 3.61
C SER A 293 -1.50 -25.78 3.69
N MET A 294 -0.70 -25.05 2.93
CA MET A 294 0.75 -25.22 2.91
C MET A 294 1.45 -24.66 4.14
N MET A 295 0.75 -23.82 4.91
CA MET A 295 1.34 -22.92 5.90
C MET A 295 2.32 -23.65 6.82
N ASN A 296 1.91 -24.81 7.36
CA ASN A 296 2.77 -25.61 8.20
C ASN A 296 4.08 -25.99 7.50
N ILE A 297 4.02 -26.51 6.28
CA ILE A 297 5.21 -27.00 5.61
C ILE A 297 6.20 -25.87 5.39
N TYR A 298 5.72 -24.69 5.03
CA TYR A 298 6.60 -23.54 4.88
C TYR A 298 7.31 -23.22 6.19
N LEU A 299 6.52 -23.02 7.24
CA LEU A 299 7.03 -22.69 8.55
C LEU A 299 7.97 -23.78 9.07
N ASP A 300 7.69 -25.03 8.76
CA ASP A 300 8.46 -26.16 9.24
C ASP A 300 9.80 -26.29 8.53
N ASN A 301 9.80 -26.22 7.20
CA ASN A 301 10.93 -26.70 6.41
C ASN A 301 11.58 -25.64 5.54
N PHE A 302 10.94 -24.48 5.35
CA PHE A 302 11.50 -23.41 4.52
C PHE A 302 11.88 -22.17 5.31
N GLU A 303 11.05 -21.70 6.23
CA GLU A 303 11.07 -20.28 6.59
C GLU A 303 12.37 -19.74 7.17
N ASN A 304 13.18 -20.62 7.78
CA ASN A 304 14.40 -20.27 8.51
C ASN A 304 15.58 -21.20 8.19
N TRP A 305 15.44 -22.02 7.15
CA TRP A 305 16.54 -22.68 6.48
C TRP A 305 17.34 -21.67 5.65
N ASN A 306 18.63 -21.92 5.41
CA ASN A 306 19.44 -21.12 4.49
C ASN A 306 19.11 -21.34 3.00
N SER A 307 18.03 -22.06 2.67
CA SER A 307 17.49 -22.22 1.31
C SER A 307 18.40 -22.93 0.30
N SER A 308 19.50 -23.54 0.72
CA SER A 308 20.61 -23.83 -0.20
C SER A 308 21.22 -25.22 -0.03
N ASP A 309 21.65 -25.82 -1.13
CA ASP A 309 22.77 -26.79 -1.14
C ASP A 309 23.94 -26.30 -2.03
N GLY A 310 23.94 -25.02 -2.40
CA GLY A 310 24.97 -24.38 -3.23
C GLY A 310 24.80 -24.71 -4.70
N ILE A 311 24.83 -26.00 -5.03
CA ILE A 311 24.50 -26.53 -6.35
C ILE A 311 23.16 -25.97 -6.78
N THR A 312 22.22 -25.87 -5.85
CA THR A 312 20.92 -25.27 -6.03
C THR A 312 20.51 -24.49 -4.79
N THR A 313 19.58 -23.59 -4.99
CA THR A 313 19.00 -22.74 -3.98
C THR A 313 17.55 -22.50 -4.34
N VAL A 314 16.60 -22.61 -3.42
CA VAL A 314 15.29 -22.04 -3.68
C VAL A 314 15.40 -20.54 -3.57
N THR A 315 14.87 -19.83 -4.55
CA THR A 315 15.00 -18.37 -4.66
C THR A 315 13.68 -17.69 -4.88
N GLY A 316 12.69 -18.40 -5.41
CA GLY A 316 11.29 -17.97 -5.41
C GLY A 316 10.41 -19.04 -4.83
N ILE A 317 9.38 -18.69 -4.10
CA ILE A 317 8.40 -19.62 -3.58
C ILE A 317 7.03 -19.04 -3.83
N GLU A 318 6.08 -19.78 -4.36
CA GLU A 318 4.67 -19.38 -4.23
C GLU A 318 3.88 -20.57 -3.74
N PHE A 319 3.61 -20.57 -2.45
CA PHE A 319 2.65 -21.46 -1.84
C PHE A 319 1.32 -20.75 -1.61
N GLY A 320 1.13 -19.53 -2.08
CA GLY A 320 -0.10 -18.76 -1.87
C GLY A 320 -0.21 -18.10 -0.51
N ILE A 321 0.52 -18.57 0.49
CA ILE A 321 0.44 -18.09 1.87
C ILE A 321 1.03 -16.70 2.11
N LYS A 322 1.36 -15.95 1.05
CA LYS A 322 2.07 -14.66 1.14
C LYS A 322 1.40 -13.72 2.11
N HIS A 323 0.14 -13.37 1.90
CA HIS A 323 -0.57 -12.48 2.80
C HIS A 323 -0.97 -13.15 4.09
N SER A 324 -1.40 -14.40 4.09
CA SER A 324 -1.86 -14.98 5.36
C SER A 324 -0.71 -15.21 6.34
N LEU A 325 0.54 -15.29 5.90
CA LEU A 325 1.69 -15.33 6.80
C LEU A 325 1.95 -13.96 7.46
N PHE A 326 1.45 -12.88 6.87
CA PHE A 326 1.85 -11.52 7.22
C PHE A 326 1.66 -11.19 8.68
N GLN A 327 0.48 -11.51 9.19
CA GLN A 327 0.09 -11.30 10.57
C GLN A 327 1.18 -11.79 11.51
N ASP A 328 1.56 -13.04 11.36
CA ASP A 328 2.59 -13.60 12.22
C ASP A 328 3.92 -12.90 12.03
N TYR A 329 4.28 -12.59 10.80
CA TYR A 329 5.55 -11.93 10.54
C TYR A 329 5.67 -10.54 11.16
N LEU A 330 4.60 -9.77 11.11
CA LEU A 330 4.60 -8.45 11.68
C LEU A 330 4.92 -8.52 13.15
N LEU A 331 4.28 -9.44 13.81
CA LEU A 331 4.51 -9.56 15.24
C LEU A 331 5.94 -10.01 15.54
N MET A 332 6.53 -10.91 14.77
CA MET A 332 7.94 -11.25 15.00
C MET A 332 8.84 -10.04 14.85
N ASP A 333 8.55 -9.13 13.93
CA ASP A 333 9.40 -7.98 13.68
C ASP A 333 9.29 -6.88 14.72
N THR A 334 8.29 -6.85 15.61
CA THR A 334 8.16 -5.72 16.54
C THR A 334 9.35 -5.53 17.46
N VAL A 335 10.22 -6.53 17.57
CA VAL A 335 11.50 -6.37 18.25
C VAL A 335 12.25 -5.16 17.75
N TYR A 336 12.26 -4.88 16.46
CA TYR A 336 13.05 -3.78 15.95
C TYR A 336 12.55 -2.43 16.47
N PRO A 337 11.26 -2.11 16.43
CA PRO A 337 10.70 -1.00 17.18
C PRO A 337 11.12 -1.00 18.65
N ALA A 338 11.10 -2.14 19.31
CA ALA A 338 11.47 -2.18 20.73
C ALA A 338 12.94 -1.81 20.93
N ILE A 339 13.82 -2.26 20.07
CA ILE A 339 15.21 -1.82 20.13
C ILE A 339 15.30 -0.32 19.83
N ALA A 340 14.53 0.21 18.89
CA ALA A 340 14.56 1.64 18.63
C ALA A 340 14.25 2.41 19.90
N ILE A 341 13.19 2.04 20.61
CA ILE A 341 12.84 2.68 21.88
C ILE A 341 13.96 2.54 22.90
N ALA A 342 14.53 1.35 23.04
CA ALA A 342 15.63 1.13 23.97
C ALA A 342 16.85 1.99 23.67
N ILE A 343 17.13 2.28 22.40
CA ILE A 343 18.22 3.16 22.04
C ILE A 343 17.86 4.63 22.21
N VAL A 344 16.62 5.03 21.95
CA VAL A 344 16.23 6.40 22.23
C VAL A 344 16.30 6.68 23.72
N LEU A 345 15.97 5.72 24.60
CA LEU A 345 16.19 5.87 26.04
C LEU A 345 17.63 6.22 26.36
N LEU A 346 18.56 5.36 25.95
CA LEU A 346 19.99 5.52 26.19
C LEU A 346 20.41 6.94 25.82
N ILE A 347 20.05 7.38 24.63
CA ILE A 347 20.44 8.70 24.17
C ILE A 347 19.88 9.75 25.11
N MET A 348 18.60 9.71 25.44
CA MET A 348 18.07 10.73 26.33
C MET A 348 18.72 10.70 27.71
N CYS A 349 19.08 9.53 28.24
CA CYS A 349 19.83 9.49 29.48
C CYS A 349 21.11 10.27 29.33
N VAL A 350 21.93 9.97 28.33
CA VAL A 350 23.19 10.66 28.13
C VAL A 350 22.98 12.16 27.94
N TYR A 351 21.93 12.58 27.23
CA TYR A 351 21.74 13.99 27.00
C TYR A 351 21.23 14.71 28.24
N THR A 352 20.35 14.09 29.01
CA THR A 352 19.72 14.73 30.18
C THR A 352 20.47 14.51 31.50
N LYS A 353 21.46 13.62 31.51
CA LYS A 353 22.17 13.11 32.69
C LYS A 353 21.26 12.58 33.82
N SER A 354 20.06 12.10 33.51
CA SER A 354 19.23 11.36 34.47
C SER A 354 18.60 10.14 33.84
N MET A 355 18.40 9.08 34.60
CA MET A 355 17.44 8.06 34.21
C MET A 355 16.03 8.63 34.35
N PHE A 356 15.73 9.37 35.40
CA PHE A 356 14.35 9.56 35.80
C PHE A 356 13.54 10.35 34.79
N ILE A 357 14.03 11.51 34.36
CA ILE A 357 13.34 12.33 33.37
C ILE A 357 13.14 11.53 32.09
N THR A 358 14.16 10.80 31.70
CA THR A 358 14.12 9.96 30.52
C THR A 358 13.10 8.84 30.63
N LEU A 359 12.97 8.17 31.77
CA LEU A 359 11.95 7.14 31.93
C LEU A 359 10.55 7.72 31.90
N MET A 360 10.30 8.79 32.64
CA MET A 360 8.95 9.33 32.69
C MET A 360 8.57 9.98 31.37
N THR A 361 9.50 10.57 30.64
CA THR A 361 9.20 11.05 29.29
C THR A 361 8.86 9.88 28.39
N MET A 362 9.64 8.81 28.42
CA MET A 362 9.33 7.65 27.61
C MET A 362 7.98 7.08 27.95
N PHE A 363 7.63 7.01 29.23
CA PHE A 363 6.30 6.59 29.64
C PHE A 363 5.23 7.50 29.07
N ALA A 364 5.43 8.81 29.07
CA ALA A 364 4.46 9.70 28.44
C ALA A 364 4.32 9.41 26.96
N ILE A 365 5.42 9.30 26.23
CA ILE A 365 5.41 9.03 24.80
C ILE A 365 4.57 7.80 24.54
N ILE A 366 4.89 6.68 25.18
CA ILE A 366 4.12 5.46 25.01
C ILE A 366 2.67 5.67 25.35
N SER A 367 2.37 6.28 26.49
CA SER A 367 0.99 6.39 26.92
C SER A 367 0.15 7.22 25.96
N SER A 368 0.75 8.14 25.22
CA SER A 368 -0.01 8.90 24.25
C SER A 368 -0.58 8.02 23.16
N LEU A 369 0.09 6.95 22.75
CA LEU A 369 -0.51 6.02 21.83
C LEU A 369 -1.71 5.33 22.44
N ILE A 370 -1.70 5.06 23.74
CA ILE A 370 -2.83 4.41 24.39
C ILE A 370 -4.01 5.37 24.47
N VAL A 371 -3.80 6.57 24.96
CA VAL A 371 -4.89 7.54 25.02
C VAL A 371 -5.41 7.84 23.63
N SER A 372 -4.56 8.05 22.66
CA SER A 372 -5.03 8.28 21.30
C SER A 372 -5.73 7.05 20.75
N TYR A 373 -5.29 5.85 21.08
CA TYR A 373 -5.98 4.66 20.61
C TYR A 373 -7.38 4.60 21.16
N PHE A 374 -7.53 4.88 22.45
CA PHE A 374 -8.83 5.05 23.07
C PHE A 374 -9.65 6.09 22.32
N LEU A 375 -9.13 7.29 22.09
CA LEU A 375 -9.89 8.33 21.41
C LEU A 375 -10.32 7.86 20.04
N TYR A 376 -9.43 7.21 19.32
CA TYR A 376 -9.63 6.82 17.94
C TYR A 376 -10.69 5.74 17.81
N ARG A 377 -10.69 4.75 18.69
CA ARG A 377 -11.74 3.74 18.67
C ARG A 377 -13.02 4.22 19.29
N VAL A 378 -12.97 4.86 20.44
CA VAL A 378 -14.17 5.12 21.23
C VAL A 378 -14.80 6.45 20.83
N VAL A 379 -14.14 7.56 21.16
CA VAL A 379 -14.73 8.89 21.00
C VAL A 379 -14.96 9.22 19.53
N PHE A 380 -13.92 9.12 18.72
CA PHE A 380 -14.04 9.28 17.27
C PHE A 380 -14.78 8.14 16.60
N ASN A 381 -15.04 7.04 17.31
CA ASN A 381 -15.86 5.94 16.83
C ASN A 381 -15.44 5.37 15.45
N PHE A 382 -14.15 5.32 15.15
CA PHE A 382 -13.68 4.59 13.97
C PHE A 382 -13.66 3.09 14.25
N GLU A 383 -14.27 2.30 13.38
CA GLU A 383 -14.43 0.86 13.58
C GLU A 383 -13.28 0.03 13.01
N PHE A 384 -12.27 0.68 12.44
CA PHE A 384 -11.19 0.03 11.71
C PHE A 384 -9.87 0.72 11.99
N PHE A 385 -8.80 -0.06 12.11
CA PHE A 385 -7.47 0.39 12.49
C PHE A 385 -6.44 -0.25 11.55
N PRO A 386 -5.90 0.48 10.57
CA PRO A 386 -5.00 -0.09 9.57
C PRO A 386 -3.72 -0.57 10.21
N PHE A 387 -3.10 -1.63 9.69
CA PHE A 387 -1.82 -2.11 10.25
C PHE A 387 -0.75 -1.03 10.21
N MET A 388 -0.84 -0.10 9.26
CA MET A 388 0.05 1.05 9.21
C MET A 388 0.11 1.82 10.51
N ASN A 389 -0.95 1.91 11.30
CA ASN A 389 -0.92 2.70 12.52
C ASN A 389 0.15 2.23 13.49
N LEU A 390 0.50 0.95 13.51
CA LEU A 390 1.62 0.49 14.34
C LEU A 390 2.92 1.16 13.91
N THR A 391 3.12 1.38 12.62
CA THR A 391 4.30 2.07 12.12
C THR A 391 4.39 3.53 12.57
N ALA A 392 3.29 4.15 12.99
CA ALA A 392 3.33 5.48 13.58
C ALA A 392 4.05 5.50 14.94
N LEU A 393 4.14 4.39 15.66
CA LEU A 393 4.91 4.33 16.90
C LEU A 393 6.35 4.80 16.69
N ILE A 394 7.01 4.27 15.68
CA ILE A 394 8.41 4.60 15.42
C ILE A 394 8.56 6.07 15.03
N ILE A 395 7.55 6.66 14.40
CA ILE A 395 7.55 8.10 14.20
C ILE A 395 7.41 8.83 15.52
N LEU A 396 6.41 8.46 16.31
CA LEU A 396 6.05 9.26 17.45
C LEU A 396 7.10 9.24 18.54
N VAL A 397 7.87 8.17 18.70
CA VAL A 397 9.01 8.20 19.63
C VAL A 397 10.07 9.20 19.19
N GLY A 398 10.31 9.36 17.90
CA GLY A 398 11.23 10.37 17.39
C GLY A 398 10.78 11.77 17.78
N ILE A 399 9.59 12.19 17.38
CA ILE A 399 9.14 13.55 17.72
C ILE A 399 8.82 13.72 19.21
N GLY A 400 8.53 12.65 19.93
CA GLY A 400 8.52 12.67 21.39
C GLY A 400 9.87 13.07 21.97
N ALA A 401 10.95 12.42 21.57
CA ALA A 401 12.28 12.83 22.02
C ALA A 401 12.62 14.26 21.62
N ASN A 402 12.24 14.70 20.43
CA ASN A 402 12.46 16.08 20.00
C ASN A 402 11.90 17.08 21.02
N ASN A 403 10.64 16.91 21.42
CA ASN A 403 10.07 17.77 22.44
C ASN A 403 10.80 17.68 23.77
N ALA A 404 11.13 16.47 24.22
CA ALA A 404 11.84 16.31 25.47
C ALA A 404 13.15 17.09 25.48
N PHE A 405 13.90 17.10 24.39
CA PHE A 405 15.11 17.87 24.32
C PHE A 405 14.86 19.34 24.56
N VAL A 406 14.04 19.99 23.74
CA VAL A 406 13.96 21.45 23.85
C VAL A 406 13.46 21.87 25.20
N LEU A 407 12.58 21.10 25.83
CA LEU A 407 12.16 21.44 27.17
C LEU A 407 13.30 21.35 28.15
N CYS A 408 13.99 20.21 28.25
CA CYS A 408 15.03 20.08 29.26
C CYS A 408 16.15 21.11 29.04
N ASP A 409 16.41 21.43 27.78
CA ASP A 409 17.41 22.40 27.40
C ASP A 409 17.03 23.77 27.95
N VAL A 410 15.82 24.24 27.63
CA VAL A 410 15.39 25.56 28.07
C VAL A 410 15.23 25.60 29.59
N TRP A 411 14.79 24.52 30.22
CA TRP A 411 14.81 24.45 31.67
C TRP A 411 16.21 24.64 32.22
N ASN A 412 17.21 23.94 31.67
CA ASN A 412 18.58 24.13 32.10
C ASN A 412 19.08 25.55 31.80
N TYR A 413 18.68 26.16 30.69
CA TYR A 413 18.93 27.59 30.48
C TYR A 413 18.34 28.39 31.63
N THR A 414 17.12 28.15 32.10
CA THR A 414 16.64 28.92 33.26
C THR A 414 17.51 28.69 34.48
N LYS A 415 17.92 27.44 34.75
CA LYS A 415 18.82 27.14 35.88
C LYS A 415 20.22 27.78 35.74
N PHE A 416 20.56 28.34 34.58
CA PHE A 416 21.82 29.04 34.34
C PHE A 416 21.63 30.56 34.23
N ASP A 417 20.58 31.00 33.55
CA ASP A 417 20.18 32.39 33.35
C ASP A 417 19.65 33.03 34.63
N LYS A 418 19.06 32.21 35.51
CA LYS A 418 18.50 32.60 36.80
C LYS A 418 18.65 31.42 37.79
N PRO A 419 19.88 31.12 38.24
CA PRO A 419 20.17 29.93 39.04
C PRO A 419 19.46 29.97 40.40
N ARG A 420 19.49 31.12 41.08
CA ARG A 420 18.60 31.38 42.20
C ARG A 420 17.26 31.88 41.68
N ALA A 421 16.25 31.04 41.78
CA ALA A 421 14.86 31.38 41.48
C ALA A 421 13.91 30.59 42.40
N GLU A 422 12.72 31.12 42.66
CA GLU A 422 11.65 30.32 43.25
C GLU A 422 11.12 29.32 42.21
N THR A 423 10.81 28.09 42.62
CA THR A 423 10.49 27.01 41.69
C THR A 423 9.35 27.34 40.74
N SER A 424 8.22 27.87 41.23
CA SER A 424 7.10 28.24 40.37
C SER A 424 7.46 29.35 39.38
N GLU A 425 8.24 30.35 39.79
CA GLU A 425 8.75 31.36 38.87
C GLU A 425 9.60 30.71 37.77
N ALA A 426 10.56 29.86 38.15
CA ALA A 426 11.44 29.18 37.21
C ALA A 426 10.63 28.33 36.21
N VAL A 427 9.65 27.58 36.72
CA VAL A 427 8.69 26.84 35.92
C VAL A 427 7.98 27.78 34.96
N SER A 428 7.43 28.88 35.45
CA SER A 428 6.71 29.83 34.63
C SER A 428 7.57 30.28 33.46
N VAL A 429 8.77 30.80 33.73
CA VAL A 429 9.60 31.32 32.64
C VAL A 429 10.04 30.22 31.69
N THR A 430 10.31 29.02 32.20
CA THR A 430 10.59 27.88 31.33
C THR A 430 9.44 27.63 30.39
N LEU A 431 8.21 27.59 30.89
CA LEU A 431 7.04 27.36 30.05
C LEU A 431 6.82 28.51 29.09
N GLN A 432 6.95 29.75 29.54
CA GLN A 432 6.86 30.94 28.67
C GLN A 432 7.78 30.81 27.46
N HIS A 433 8.94 30.19 27.65
CA HIS A 433 9.86 29.94 26.56
C HIS A 433 9.45 28.68 25.79
N ALA A 434 9.52 27.52 26.44
CA ALA A 434 9.46 26.23 25.76
C ALA A 434 8.08 25.86 25.24
N ALA A 435 7.00 26.19 25.96
CA ALA A 435 5.70 25.64 25.63
C ALA A 435 5.25 26.06 24.23
N LEU A 436 5.65 27.26 23.80
CA LEU A 436 5.43 27.74 22.43
C LEU A 436 6.25 26.94 21.43
N SER A 437 7.55 26.84 21.60
CA SER A 437 8.40 26.19 20.59
C SER A 437 8.06 24.72 20.48
N MET A 438 7.86 24.08 21.62
CA MET A 438 7.46 22.69 21.71
C MET A 438 6.04 22.47 21.17
N PHE A 439 5.21 23.51 21.13
CA PHE A 439 3.96 23.42 20.41
C PHE A 439 4.25 23.35 18.93
N VAL A 440 4.94 24.32 18.35
CA VAL A 440 5.04 24.39 16.89
C VAL A 440 5.84 23.26 16.26
N THR A 441 6.78 22.62 16.96
CA THR A 441 7.32 21.34 16.49
C THR A 441 6.20 20.33 16.27
N SER A 442 5.31 20.24 17.24
CA SER A 442 4.30 19.23 17.30
C SER A 442 3.16 19.58 16.39
N PHE A 443 2.67 20.80 16.44
CA PHE A 443 1.51 21.21 15.68
C PHE A 443 1.76 21.12 14.19
N THR A 444 2.90 21.57 13.70
CA THR A 444 3.21 21.41 12.29
C THR A 444 3.23 19.98 11.89
N THR A 445 3.70 19.10 12.75
CA THR A 445 3.79 17.68 12.43
C THR A 445 2.44 17.03 12.47
N ALA A 446 1.62 17.32 13.47
CA ALA A 446 0.24 16.86 13.51
C ALA A 446 -0.51 17.32 12.27
N ALA A 447 -0.43 18.59 11.92
CA ALA A 447 -1.13 19.11 10.77
C ALA A 447 -0.67 18.45 9.47
N ALA A 448 0.58 18.03 9.35
CA ALA A 448 0.99 17.24 8.21
C ALA A 448 0.35 15.86 8.21
N PHE A 449 0.15 15.21 9.36
CA PHE A 449 -0.55 13.93 9.39
C PHE A 449 -2.04 14.07 9.19
N TYR A 450 -2.71 15.01 9.86
CA TYR A 450 -4.11 15.22 9.61
C TYR A 450 -4.38 15.61 8.18
N ALA A 451 -3.46 16.25 7.48
CA ALA A 451 -3.69 16.54 6.08
C ALA A 451 -3.97 15.29 5.28
N ASN A 452 -3.41 14.13 5.64
CA ASN A 452 -3.72 12.91 4.95
C ASN A 452 -5.17 12.47 5.09
N TYR A 453 -5.94 13.04 5.99
CA TYR A 453 -7.38 12.84 6.03
C TYR A 453 -8.09 13.37 4.78
N VAL A 454 -7.45 14.20 3.96
CA VAL A 454 -8.05 14.69 2.72
C VAL A 454 -8.10 13.61 1.64
N SER A 455 -7.25 12.60 1.71
CA SER A 455 -7.22 11.51 0.72
C SER A 455 -8.57 10.81 0.65
N ASN A 456 -8.94 10.26 -0.50
CA ASN A 456 -10.13 9.45 -0.62
C ASN A 456 -9.93 8.02 -0.14
N ILE A 457 -8.74 7.63 0.31
CA ILE A 457 -8.40 6.22 0.59
C ILE A 457 -8.57 5.92 2.06
N THR A 458 -9.36 4.92 2.43
CA THR A 458 -9.70 4.72 3.84
C THR A 458 -8.48 4.44 4.72
N ALA A 459 -7.53 3.60 4.31
CA ALA A 459 -6.37 3.31 5.14
C ALA A 459 -5.53 4.54 5.42
N ILE A 460 -5.40 5.41 4.44
CA ILE A 460 -4.67 6.65 4.61
C ILE A 460 -5.44 7.57 5.51
N ARG A 461 -6.74 7.80 5.30
CA ARG A 461 -7.52 8.72 6.13
C ARG A 461 -7.44 8.34 7.59
N CYS A 462 -7.57 7.07 7.89
CA CYS A 462 -7.42 6.55 9.24
C CYS A 462 -6.03 6.78 9.82
N PHE A 463 -4.99 6.47 9.06
CA PHE A 463 -3.65 6.72 9.54
C PHE A 463 -3.36 8.19 9.77
N GLY A 464 -3.80 9.06 8.88
CA GLY A 464 -3.64 10.49 9.05
C GLY A 464 -4.31 11.01 10.30
N VAL A 465 -5.44 10.43 10.71
CA VAL A 465 -6.09 10.84 11.95
C VAL A 465 -5.42 10.28 13.17
N TYR A 466 -5.05 9.01 13.16
CA TYR A 466 -4.47 8.43 14.36
C TYR A 466 -3.17 9.10 14.72
N ALA A 467 -2.27 9.26 13.77
CA ALA A 467 -1.00 9.91 14.02
C ALA A 467 -1.22 11.34 14.46
N GLY A 468 -2.10 12.08 13.79
CA GLY A 468 -2.39 13.44 14.17
C GLY A 468 -2.81 13.55 15.63
N THR A 469 -3.75 12.73 16.09
CA THR A 469 -4.13 12.82 17.50
C THR A 469 -2.98 12.44 18.39
N ALA A 470 -2.27 11.37 18.13
CA ALA A 470 -1.24 10.90 19.03
C ALA A 470 -0.12 11.92 19.21
N ILE A 471 0.18 12.70 18.18
CA ILE A 471 1.08 13.83 18.31
C ILE A 471 0.49 14.83 19.29
N LEU A 472 -0.74 15.28 19.11
CA LEU A 472 -1.28 16.29 19.99
C LEU A 472 -1.47 15.79 21.42
N VAL A 473 -1.92 14.57 21.63
CA VAL A 473 -1.92 13.98 22.96
C VAL A 473 -0.52 14.01 23.54
N ASN A 474 0.49 13.61 22.79
CA ASN A 474 1.85 13.65 23.30
C ASN A 474 2.25 15.07 23.67
N TYR A 475 1.90 16.07 22.87
CA TYR A 475 2.19 17.44 23.23
C TYR A 475 1.58 17.79 24.58
N VAL A 476 0.33 17.44 24.83
CA VAL A 476 -0.30 17.77 26.11
C VAL A 476 0.45 17.14 27.25
N LEU A 477 0.82 15.87 27.15
CA LEU A 477 1.61 15.26 28.21
C LEU A 477 2.95 15.98 28.41
N MET A 478 3.62 16.38 27.34
CA MET A 478 4.86 17.12 27.49
C MET A 478 4.68 18.47 28.17
N VAL A 479 3.48 19.03 28.22
CA VAL A 479 3.25 20.25 28.98
C VAL A 479 2.74 19.98 30.38
N THR A 480 1.87 19.00 30.61
CA THR A 480 1.36 18.78 31.96
C THR A 480 2.27 17.86 32.74
N TRP A 481 2.42 16.63 32.26
CA TRP A 481 3.15 15.58 32.94
C TRP A 481 4.62 15.92 33.09
N LEU A 482 5.29 16.23 31.99
CA LEU A 482 6.74 16.34 32.04
C LEU A 482 7.23 17.42 33.02
N PRO A 483 6.69 18.64 33.05
CA PRO A 483 7.19 19.64 33.97
C PRO A 483 6.98 19.23 35.41
N ALA A 484 5.91 18.49 35.71
CA ALA A 484 5.74 18.00 37.05
C ALA A 484 6.93 17.09 37.43
N VAL A 485 7.34 16.23 36.51
CA VAL A 485 8.51 15.40 36.74
C VAL A 485 9.74 16.26 36.94
N ILE A 486 9.91 17.35 36.21
CA ILE A 486 11.07 18.22 36.42
C ILE A 486 11.04 18.83 37.82
N VAL A 487 9.86 19.19 38.32
CA VAL A 487 9.74 19.60 39.72
C VAL A 487 10.20 18.50 40.64
N LEU A 488 9.70 17.27 40.48
CA LEU A 488 10.12 16.16 41.33
C LEU A 488 11.63 15.93 41.27
N HIS A 489 12.23 16.11 40.11
CA HIS A 489 13.66 15.91 39.94
C HIS A 489 14.46 16.85 40.82
N GLU A 490 14.17 18.15 40.82
CA GLU A 490 14.86 19.06 41.73
C GLU A 490 14.41 18.91 43.18
N ARG A 491 13.15 18.53 43.43
CA ARG A 491 12.64 18.39 44.79
C ARG A 491 13.29 17.22 45.51
N TYR A 492 13.64 16.14 44.80
CA TYR A 492 14.10 14.90 45.44
C TYR A 492 15.33 14.27 44.82
N LEU A 493 15.42 14.18 43.50
CA LEU A 493 16.22 13.11 42.92
C LEU A 493 17.72 13.37 42.93
N LEU A 494 18.11 14.63 43.09
CA LEU A 494 19.52 14.97 43.34
C LEU A 494 20.01 14.48 44.72
N ASN A 495 19.11 14.07 45.62
CA ASN A 495 19.44 13.69 47.00
C ASN A 495 20.02 12.27 47.12
N ILE A 496 19.85 11.42 46.10
CA ILE A 496 19.92 9.96 46.25
C ILE A 496 21.34 9.39 46.45
N PHE A 497 22.38 10.13 46.06
CA PHE A 497 23.75 9.61 45.94
C PHE A 497 24.43 9.44 47.31
N CYS A 512 37.84 -0.82 38.02
CA CYS A 512 36.87 -1.22 39.02
C CYS A 512 35.61 -0.34 38.99
N TRP A 513 34.46 -0.92 39.33
CA TRP A 513 33.18 -0.22 39.52
C TRP A 513 33.31 1.05 40.39
N ALA A 514 34.20 1.04 41.38
CA ALA A 514 34.44 2.14 42.31
C ALA A 514 35.02 3.41 41.66
N VAL A 515 35.54 3.33 40.42
CA VAL A 515 36.19 4.47 39.73
C VAL A 515 35.87 4.56 38.23
N LEU A 516 35.51 3.47 37.56
CA LEU A 516 35.14 3.48 36.14
C LEU A 516 33.94 4.40 35.88
N CYS A 517 33.02 4.49 36.84
CA CYS A 517 31.98 5.52 36.89
C CYS A 517 32.57 6.94 36.75
N GLN A 518 33.62 7.25 37.51
CA GLN A 518 34.31 8.54 37.47
C GLN A 518 35.06 8.74 36.16
N LYS A 519 35.67 7.69 35.59
CA LYS A 519 36.24 7.71 34.23
C LYS A 519 35.18 8.17 33.23
N CYS A 520 34.01 7.53 33.25
CA CYS A 520 32.92 7.86 32.34
C CYS A 520 32.44 9.30 32.54
N ARG A 521 32.22 9.75 33.78
CA ARG A 521 31.84 11.15 34.10
C ARG A 521 32.85 12.15 33.53
N ARG A 522 34.15 11.89 33.72
CA ARG A 522 35.22 12.69 33.13
C ARG A 522 35.12 12.71 31.60
N VAL A 523 35.02 11.54 30.97
CA VAL A 523 34.99 11.43 29.51
C VAL A 523 33.75 12.10 28.91
N LEU A 524 32.57 11.84 29.46
CA LEU A 524 31.36 12.47 28.93
C LEU A 524 31.41 13.98 29.16
N PHE A 525 32.00 14.46 30.26
CA PHE A 525 32.25 15.88 30.40
C PHE A 525 33.16 16.39 29.27
N ALA A 526 34.22 15.65 28.94
CA ALA A 526 35.07 16.05 27.83
C ALA A 526 34.27 16.18 26.53
N VAL A 527 33.42 15.21 26.17
CA VAL A 527 32.60 15.37 24.94
C VAL A 527 31.60 16.50 25.09
N SER A 528 31.08 16.76 26.28
CA SER A 528 30.21 17.91 26.47
C SER A 528 30.92 19.20 26.11
N GLU A 529 32.20 19.32 26.44
CA GLU A 529 32.98 20.47 26.02
C GLU A 529 33.27 20.44 24.53
N ALA A 530 33.73 19.32 24.00
CA ALA A 530 34.08 19.22 22.59
C ALA A 530 32.86 19.55 21.71
N SER A 531 31.70 18.98 22.06
CA SER A 531 30.44 19.27 21.40
C SER A 531 30.06 20.72 21.58
N ARG A 532 30.20 21.26 22.79
CA ARG A 532 29.89 22.66 23.02
C ARG A 532 30.72 23.54 22.10
N ILE A 533 32.04 23.43 22.09
CA ILE A 533 32.85 24.31 21.25
C ILE A 533 32.64 24.02 19.76
N PHE A 534 32.30 22.78 19.40
CA PHE A 534 31.90 22.47 18.06
C PHE A 534 30.70 23.31 17.65
N PHE A 535 29.64 23.32 18.44
CA PHE A 535 28.48 24.14 18.10
C PHE A 535 28.74 25.63 18.28
N GLU A 536 29.36 26.05 19.37
CA GLU A 536 29.52 27.46 19.67
C GLU A 536 30.60 28.15 18.84
N LYS A 537 31.46 27.40 18.14
CA LYS A 537 32.46 27.98 17.24
C LYS A 537 32.55 27.26 15.91
N VAL A 538 32.79 25.96 15.89
CA VAL A 538 33.21 25.26 14.68
C VAL A 538 32.14 25.26 13.60
N LEU A 539 30.93 24.82 13.91
CA LEU A 539 29.88 24.73 12.91
C LEU A 539 29.55 26.10 12.30
N PRO A 540 29.37 27.18 13.07
CA PRO A 540 29.25 28.52 12.53
C PRO A 540 30.42 28.89 11.64
N CYS A 541 31.65 28.54 12.01
CA CYS A 541 32.82 28.78 11.19
C CYS A 541 32.68 28.11 9.82
N ILE A 542 32.32 26.82 9.80
CA ILE A 542 32.10 26.10 8.55
C ILE A 542 31.06 26.81 7.69
N VAL A 543 29.90 27.11 8.27
CA VAL A 543 28.79 27.66 7.50
C VAL A 543 29.13 29.00 6.90
N ILE A 544 29.64 29.94 7.68
CA ILE A 544 29.95 31.25 7.13
C ILE A 544 31.06 31.14 6.10
N LYS A 545 32.13 30.41 6.40
CA LYS A 545 33.35 30.44 5.61
C LYS A 545 33.14 29.94 4.20
N PHE A 546 32.20 29.02 4.01
CA PHE A 546 31.91 28.42 2.71
C PHE A 546 30.49 28.69 2.23
N ARG A 547 29.88 29.77 2.73
CA ARG A 547 28.49 30.14 2.39
C ARG A 547 28.13 30.04 0.89
N TYR A 548 28.99 30.55 0.04
CA TYR A 548 28.72 30.55 -1.40
C TYR A 548 28.73 29.14 -1.99
N LEU A 549 29.62 28.27 -1.53
CA LEU A 549 29.60 26.86 -1.92
C LEU A 549 28.30 26.24 -1.47
N TRP A 550 27.94 26.43 -0.21
CA TRP A 550 26.75 25.80 0.34
C TRP A 550 25.51 26.19 -0.41
N LEU A 551 25.39 27.47 -0.76
CA LEU A 551 24.25 27.93 -1.53
C LEU A 551 24.12 27.21 -2.87
N ILE A 552 25.11 27.27 -3.77
CA ILE A 552 24.94 26.61 -5.07
C ILE A 552 24.87 25.10 -4.92
N TRP A 553 25.64 24.51 -4.01
CA TRP A 553 25.60 23.07 -3.83
C TRP A 553 24.20 22.63 -3.48
N PHE A 554 23.62 23.17 -2.42
CA PHE A 554 22.28 22.75 -2.05
C PHE A 554 21.29 23.11 -3.13
N LEU A 555 21.44 24.27 -3.77
CA LEU A 555 20.52 24.65 -4.81
C LEU A 555 20.53 23.62 -5.94
N ALA A 556 21.70 23.23 -6.41
CA ALA A 556 21.83 22.23 -7.45
C ALA A 556 21.20 20.91 -7.01
N LEU A 557 21.43 20.49 -5.78
CA LEU A 557 20.79 19.30 -5.23
C LEU A 557 19.28 19.41 -5.30
N THR A 558 18.67 20.55 -4.97
CA THR A 558 17.22 20.65 -5.14
C THR A 558 16.81 20.49 -6.58
N VAL A 559 17.52 21.08 -7.53
CA VAL A 559 17.18 20.94 -8.94
C VAL A 559 17.28 19.48 -9.34
N GLY A 560 18.32 18.79 -8.91
CA GLY A 560 18.44 17.35 -9.10
C GLY A 560 17.20 16.64 -8.59
N GLY A 561 16.79 16.93 -7.35
CA GLY A 561 15.57 16.37 -6.80
C GLY A 561 14.36 16.66 -7.68
N ALA A 562 14.18 17.91 -8.08
CA ALA A 562 13.05 18.33 -8.87
C ALA A 562 13.03 17.64 -10.24
N TYR A 563 14.17 17.56 -10.90
CA TYR A 563 14.30 16.89 -12.17
C TYR A 563 13.94 15.41 -12.02
N ILE A 564 14.53 14.73 -11.05
CA ILE A 564 14.30 13.31 -10.82
C ILE A 564 12.84 13.05 -10.56
N VAL A 565 12.22 13.80 -9.66
CA VAL A 565 10.84 13.51 -9.32
C VAL A 565 9.91 13.87 -10.48
N CYS A 566 10.13 15.01 -11.13
CA CYS A 566 9.08 15.63 -11.93
C CYS A 566 9.22 15.45 -13.44
N VAL A 567 10.38 15.03 -13.96
CA VAL A 567 10.54 14.78 -15.41
C VAL A 567 11.23 13.47 -15.76
N ASN A 568 12.25 13.01 -15.06
CA ASN A 568 13.00 11.84 -15.49
C ASN A 568 13.91 11.24 -14.40
N PRO A 569 13.82 9.93 -14.08
CA PRO A 569 12.72 9.04 -14.35
C PRO A 569 11.58 9.40 -13.39
N LYS A 570 10.55 10.07 -13.89
CA LYS A 570 9.50 10.69 -13.07
C LYS A 570 8.94 9.74 -12.02
N MET A 571 8.54 10.25 -10.86
CA MET A 571 7.92 9.44 -9.80
C MET A 571 6.69 8.71 -10.33
N LYS A 572 6.67 7.39 -10.24
CA LYS A 572 5.71 6.53 -10.95
C LYS A 572 4.63 5.95 -10.04
N LEU A 573 3.39 5.97 -10.48
CA LEU A 573 2.27 5.33 -9.80
C LEU A 573 2.49 3.82 -9.74
N PRO A 574 1.92 3.12 -8.76
CA PRO A 574 2.16 1.71 -8.60
C PRO A 574 1.62 0.93 -9.78
N SER A 575 2.30 -0.10 -10.23
CA SER A 575 1.89 -0.86 -11.42
C SER A 575 2.03 -2.37 -11.31
N LEU A 576 2.34 -2.92 -10.13
CA LEU A 576 1.89 -4.28 -9.80
C LEU A 576 0.48 -4.18 -9.26
N GLU A 577 -0.39 -5.11 -9.63
CA GLU A 577 -1.77 -5.07 -9.20
C GLU A 577 -1.92 -5.38 -7.70
N LEU A 578 -2.99 -4.87 -7.11
CA LEU A 578 -3.15 -4.86 -5.65
C LEU A 578 -3.05 -6.25 -5.04
N SER A 579 -3.67 -7.24 -5.65
CA SER A 579 -3.69 -8.61 -5.13
C SER A 579 -2.31 -9.26 -5.13
N GLU A 580 -1.30 -8.65 -5.75
CA GLU A 580 0.07 -9.13 -5.75
C GLU A 580 1.03 -8.15 -5.07
N PHE A 581 0.54 -7.17 -4.30
CA PHE A 581 1.39 -6.19 -3.64
C PHE A 581 2.49 -6.83 -2.82
N GLN A 582 3.63 -6.17 -2.83
CA GLN A 582 4.76 -6.50 -1.99
C GLN A 582 4.46 -6.14 -0.54
N VAL A 583 4.74 -7.06 0.38
CA VAL A 583 4.60 -6.84 1.82
C VAL A 583 5.84 -7.25 2.60
N PHE A 584 6.69 -8.09 2.06
CA PHE A 584 7.94 -8.44 2.66
C PHE A 584 9.11 -7.80 1.93
N ARG A 585 10.26 -7.86 2.57
CA ARG A 585 11.55 -7.40 2.09
C ARG A 585 11.82 -7.95 0.69
N SER A 586 12.36 -7.17 -0.23
CA SER A 586 12.45 -7.59 -1.64
C SER A 586 13.35 -8.78 -1.89
N SER A 587 14.24 -9.11 -0.97
CA SER A 587 15.02 -10.34 -1.02
C SER A 587 14.19 -11.58 -0.74
N HIS A 588 13.03 -11.46 -0.11
CA HIS A 588 12.31 -12.57 0.49
C HIS A 588 11.79 -13.56 -0.56
N PRO A 589 11.79 -14.88 -0.30
CA PRO A 589 11.46 -15.86 -1.31
C PRO A 589 10.07 -15.72 -1.91
N PHE A 590 9.09 -15.13 -1.22
CA PHE A 590 7.80 -14.85 -1.83
C PHE A 590 7.87 -13.69 -2.79
N GLU A 591 8.48 -12.60 -2.38
CA GLU A 591 8.47 -11.40 -3.18
C GLU A 591 9.18 -11.60 -4.47
N ARG A 592 10.27 -12.36 -4.47
CA ARG A 592 10.96 -12.67 -5.71
C ARG A 592 10.10 -13.42 -6.70
N TYR A 593 9.09 -14.16 -6.25
CA TYR A 593 8.19 -14.82 -7.18
C TYR A 593 7.34 -13.83 -7.95
N ASP A 594 6.66 -12.93 -7.25
CA ASP A 594 5.85 -11.90 -7.90
C ASP A 594 6.71 -10.91 -8.67
N ALA A 595 7.87 -10.53 -8.14
CA ALA A 595 8.69 -9.50 -8.71
C ALA A 595 9.46 -9.99 -9.94
N GLU A 596 10.17 -11.11 -9.84
CA GLU A 596 10.98 -11.62 -10.93
C GLU A 596 10.25 -12.75 -11.65
N PHE A 597 9.90 -13.83 -10.97
CA PHE A 597 9.71 -15.05 -11.72
C PHE A 597 8.41 -15.08 -12.51
N LYS A 598 7.38 -14.35 -12.13
CA LYS A 598 6.21 -14.14 -13.00
C LYS A 598 6.53 -13.49 -14.35
N LYS A 599 7.66 -12.81 -14.48
CA LYS A 599 8.15 -12.27 -15.76
C LYS A 599 8.75 -13.35 -16.65
N LEU A 600 9.19 -14.48 -16.09
CA LEU A 600 10.19 -15.36 -16.72
C LEU A 600 9.69 -16.74 -17.10
N PHE A 601 8.61 -17.22 -16.52
CA PHE A 601 8.10 -18.55 -16.80
C PHE A 601 6.90 -18.48 -17.70
N MET A 602 6.89 -19.29 -18.77
CA MET A 602 6.09 -18.94 -19.92
C MET A 602 4.61 -18.87 -19.59
N PHE A 603 4.08 -19.84 -18.87
CA PHE A 603 2.69 -19.85 -18.49
C PHE A 603 2.29 -18.60 -17.72
N GLU A 604 3.11 -18.11 -16.79
CA GLU A 604 2.83 -16.85 -16.12
C GLU A 604 2.93 -15.68 -17.12
N ARG A 605 4.08 -15.57 -17.80
CA ARG A 605 4.39 -14.46 -18.72
C ARG A 605 3.36 -14.26 -19.80
N VAL A 606 2.81 -15.36 -20.27
CA VAL A 606 1.71 -15.31 -21.24
C VAL A 606 0.39 -15.01 -20.55
N HIS A 607 -0.01 -15.76 -19.53
CA HIS A 607 -1.36 -15.62 -18.98
C HIS A 607 -1.66 -14.19 -18.48
N HIS A 608 -0.68 -13.55 -17.85
CA HIS A 608 -0.82 -12.15 -17.37
C HIS A 608 -0.46 -11.10 -18.43
N GLY A 609 0.11 -11.52 -19.56
CA GLY A 609 0.37 -10.67 -20.73
C GLY A 609 -0.73 -10.74 -21.81
N GLU A 610 -1.67 -11.67 -21.70
CA GLU A 610 -2.78 -11.84 -22.63
C GLU A 610 -3.66 -10.58 -22.79
N GLU A 611 -4.31 -10.47 -23.94
CA GLU A 611 -5.24 -9.37 -24.24
C GLU A 611 -6.66 -9.69 -23.76
N LEU A 612 -7.28 -8.76 -23.06
CA LEU A 612 -8.70 -8.79 -22.74
C LEU A 612 -9.26 -7.40 -22.95
N HIS A 613 -10.44 -7.29 -23.53
CA HIS A 613 -11.10 -6.02 -23.70
C HIS A 613 -11.75 -5.54 -22.40
N MET A 614 -11.91 -4.24 -22.24
CA MET A 614 -12.68 -3.70 -21.13
C MET A 614 -14.15 -3.90 -21.42
N PRO A 615 -14.93 -4.51 -20.53
CA PRO A 615 -16.35 -4.69 -20.73
C PRO A 615 -17.08 -3.41 -20.35
N ILE A 616 -17.17 -2.47 -21.28
CA ILE A 616 -17.93 -1.24 -21.12
C ILE A 616 -19.35 -1.59 -20.70
N THR A 617 -19.74 -1.31 -19.47
CA THR A 617 -21.06 -1.63 -18.95
C THR A 617 -21.82 -0.36 -18.73
N VAL A 618 -23.11 -0.34 -19.01
CA VAL A 618 -23.96 0.81 -18.78
C VAL A 618 -25.17 0.35 -18.00
N ILE A 619 -25.60 1.12 -17.02
CA ILE A 619 -26.60 0.72 -16.03
C ILE A 619 -27.65 1.80 -15.86
N TRP A 620 -28.90 1.41 -15.64
CA TRP A 620 -29.99 2.32 -15.30
C TRP A 620 -30.88 1.80 -14.19
N GLY A 621 -31.60 2.70 -13.53
CA GLY A 621 -32.58 2.37 -12.50
C GLY A 621 -31.96 2.23 -11.11
N VAL A 622 -30.82 1.57 -10.98
CA VAL A 622 -30.01 1.66 -9.77
C VAL A 622 -29.28 2.99 -9.75
N SER A 623 -29.41 3.78 -8.70
CA SER A 623 -28.62 5.02 -8.58
C SER A 623 -27.18 4.72 -8.18
N PRO A 624 -26.20 5.51 -8.62
CA PRO A 624 -24.79 5.24 -8.41
C PRO A 624 -24.30 5.73 -7.04
N GLU A 625 -25.05 5.45 -5.99
CA GLU A 625 -24.87 6.05 -4.67
C GLU A 625 -24.18 5.08 -3.71
N ASP A 626 -23.08 5.51 -3.08
CA ASP A 626 -22.51 4.79 -1.96
C ASP A 626 -23.03 5.36 -0.63
N SER A 627 -23.91 4.62 0.05
CA SER A 627 -24.41 4.98 1.37
C SER A 627 -23.70 4.25 2.51
N GLY A 628 -22.60 3.56 2.27
CA GLY A 628 -21.78 2.97 3.33
C GLY A 628 -21.09 4.00 4.23
N ASP A 629 -20.42 3.55 5.28
CA ASP A 629 -19.55 4.43 6.06
C ASP A 629 -18.24 4.68 5.28
N PRO A 630 -17.81 5.93 5.08
CA PRO A 630 -16.67 6.26 4.24
C PRO A 630 -15.31 6.01 4.90
N LEU A 631 -15.26 5.43 6.10
CA LEU A 631 -14.03 5.04 6.76
C LEU A 631 -13.97 3.55 7.01
N ASN A 632 -15.06 2.89 7.39
CA ASN A 632 -15.04 1.46 7.65
C ASN A 632 -15.03 0.65 6.35
N PRO A 633 -13.94 -0.05 5.98
CA PRO A 633 -13.86 -0.83 4.76
C PRO A 633 -14.75 -2.08 4.77
N LYS A 634 -15.23 -2.54 5.92
CA LYS A 634 -16.23 -3.61 5.96
C LYS A 634 -17.60 -3.13 5.53
N SER A 635 -17.92 -1.87 5.79
CA SER A 635 -19.24 -1.32 5.48
C SER A 635 -19.38 -1.01 3.99
N LYS A 636 -20.58 -1.21 3.47
CA LYS A 636 -21.05 -0.66 2.20
C LYS A 636 -22.54 -0.41 2.34
N GLY A 637 -23.07 0.47 1.51
CA GLY A 637 -24.52 0.63 1.41
C GLY A 637 -25.19 -0.65 0.91
N GLU A 638 -26.49 -0.62 0.74
CA GLU A 638 -27.19 -1.58 -0.11
C GLU A 638 -27.36 -1.01 -1.53
N LEU A 639 -28.40 -1.35 -2.25
CA LEU A 639 -28.79 -0.63 -3.45
C LEU A 639 -29.43 0.70 -3.09
N THR A 640 -29.83 1.47 -4.10
CA THR A 640 -30.85 2.52 -3.98
C THR A 640 -31.52 2.70 -5.32
N LEU A 641 -32.73 2.20 -5.46
CA LEU A 641 -33.47 2.16 -6.72
C LEU A 641 -34.21 3.46 -6.96
N ASP A 642 -34.31 3.89 -8.21
CA ASP A 642 -34.80 5.23 -8.56
C ASP A 642 -36.22 5.20 -9.14
N SER A 643 -37.14 5.90 -8.49
CA SER A 643 -38.53 5.97 -8.93
C SER A 643 -38.73 6.65 -10.28
N THR A 644 -37.79 7.48 -10.74
CA THR A 644 -37.91 8.13 -12.05
C THR A 644 -37.69 7.15 -13.18
N PHE A 645 -36.94 6.07 -12.96
CA PHE A 645 -36.60 5.15 -14.04
C PHE A 645 -37.82 4.39 -14.55
N ASN A 646 -37.87 4.19 -15.87
CA ASN A 646 -38.54 3.04 -16.48
C ASN A 646 -37.96 2.81 -17.86
N ILE A 647 -38.16 1.63 -18.43
CA ILE A 647 -37.93 1.39 -19.86
C ILE A 647 -39.19 1.08 -20.63
N ALA A 648 -40.28 0.71 -19.96
CA ALA A 648 -41.45 0.21 -20.67
C ALA A 648 -42.18 1.31 -21.46
N SER A 649 -42.01 2.59 -21.11
CA SER A 649 -42.50 3.68 -21.95
C SER A 649 -41.90 3.60 -23.36
N PRO A 650 -42.70 3.63 -24.43
CA PRO A 650 -42.20 3.43 -25.78
C PRO A 650 -41.12 4.44 -26.18
N ALA A 651 -41.18 5.66 -25.69
CA ALA A 651 -40.11 6.64 -25.89
C ALA A 651 -38.76 6.10 -25.42
N SER A 652 -38.74 5.46 -24.26
CA SER A 652 -37.54 4.81 -23.75
C SER A 652 -37.11 3.69 -24.67
N GLN A 653 -38.04 2.81 -25.07
CA GLN A 653 -37.72 1.68 -25.94
C GLN A 653 -37.05 2.15 -27.23
N ALA A 654 -37.59 3.23 -27.82
CA ALA A 654 -37.00 3.85 -28.99
C ALA A 654 -35.58 4.33 -28.68
N TRP A 655 -35.45 5.19 -27.66
CA TRP A 655 -34.17 5.81 -27.40
C TRP A 655 -33.09 4.81 -27.04
N ILE A 656 -33.41 3.80 -26.23
CA ILE A 656 -32.39 2.86 -25.79
C ILE A 656 -31.91 2.00 -26.96
N LEU A 657 -32.80 1.60 -27.86
CA LEU A 657 -32.40 0.86 -29.05
C LEU A 657 -31.48 1.72 -29.89
N HIS A 658 -31.92 2.93 -30.17
CA HIS A 658 -31.15 3.90 -30.92
C HIS A 658 -29.78 4.13 -30.28
N PHE A 659 -29.74 4.24 -28.95
CA PHE A 659 -28.51 4.43 -28.20
C PHE A 659 -27.53 3.29 -28.42
N CYS A 660 -27.95 2.02 -28.36
CA CYS A 660 -27.03 0.93 -28.66
C CYS A 660 -26.42 1.08 -30.04
N GLN A 661 -27.22 1.45 -31.03
CA GLN A 661 -26.69 1.56 -32.37
C GLN A 661 -25.73 2.75 -32.42
N LYS A 662 -26.03 3.80 -31.65
CA LYS A 662 -25.14 4.95 -31.54
C LYS A 662 -23.85 4.53 -30.81
N LEU A 663 -23.99 3.62 -29.85
CA LEU A 663 -22.85 3.03 -29.13
C LEU A 663 -22.04 2.10 -30.04
N ARG A 664 -22.69 1.57 -31.08
CA ARG A 664 -22.03 0.72 -32.10
C ARG A 664 -21.20 1.48 -33.18
N ASN A 665 -21.46 2.78 -33.34
CA ASN A 665 -20.71 3.65 -34.25
C ASN A 665 -19.46 4.26 -33.62
N GLN A 666 -19.40 4.40 -32.29
CA GLN A 666 -18.29 5.10 -31.67
C GLN A 666 -17.00 4.33 -31.89
N THR A 667 -15.93 5.06 -32.16
CA THR A 667 -14.65 4.48 -32.59
C THR A 667 -14.14 3.43 -31.61
N PHE A 668 -14.38 3.63 -30.31
CA PHE A 668 -13.88 2.76 -29.27
C PHE A 668 -14.61 1.43 -29.15
N PHE A 669 -15.72 1.20 -29.83
CA PHE A 669 -16.42 -0.07 -29.77
C PHE A 669 -15.66 -1.12 -30.56
N HIS A 670 -15.29 -2.22 -29.90
CA HIS A 670 -14.74 -3.38 -30.60
C HIS A 670 -15.87 -4.20 -31.19
N GLN A 671 -16.15 -4.01 -32.48
CA GLN A 671 -17.20 -4.77 -33.15
C GLN A 671 -16.75 -6.20 -33.41
N THR A 672 -17.02 -7.08 -32.46
CA THR A 672 -16.78 -8.51 -32.62
C THR A 672 -17.62 -9.07 -33.76
N GLU A 673 -17.08 -10.05 -34.47
CA GLU A 673 -17.84 -10.86 -35.42
C GLU A 673 -18.74 -11.88 -34.70
N GLN A 674 -18.30 -12.40 -33.56
CA GLN A 674 -19.17 -13.12 -32.63
C GLN A 674 -20.23 -12.15 -32.07
N GLN A 675 -21.49 -12.59 -32.00
CA GLN A 675 -22.61 -11.76 -31.56
C GLN A 675 -23.10 -12.17 -30.17
N ASP A 676 -23.23 -11.19 -29.28
CA ASP A 676 -23.75 -11.37 -27.94
C ASP A 676 -25.20 -10.92 -27.85
N PHE A 677 -26.13 -11.85 -27.87
CA PHE A 677 -27.55 -11.53 -27.80
C PHE A 677 -28.00 -11.00 -26.42
N THR A 678 -27.10 -10.84 -25.46
CA THR A 678 -27.36 -10.15 -24.19
C THR A 678 -26.80 -8.74 -24.21
N SER A 679 -25.73 -8.46 -24.95
CA SER A 679 -25.41 -7.07 -25.27
C SER A 679 -26.62 -6.45 -25.96
N CYS A 680 -26.98 -5.22 -25.60
CA CYS A 680 -28.18 -4.56 -26.10
C CYS A 680 -29.44 -5.45 -26.15
N PHE A 681 -29.81 -6.05 -25.01
CA PHE A 681 -30.91 -7.02 -24.92
C PHE A 681 -32.16 -6.64 -25.72
N ILE A 682 -32.51 -5.36 -25.78
CA ILE A 682 -33.72 -4.93 -26.45
C ILE A 682 -33.71 -5.26 -27.93
N GLU A 683 -32.56 -5.31 -28.60
CA GLU A 683 -32.49 -5.78 -29.98
C GLU A 683 -32.90 -7.23 -30.07
N THR A 684 -32.40 -8.05 -29.16
CA THR A 684 -32.76 -9.46 -29.11
C THR A 684 -34.26 -9.60 -28.88
N PHE A 685 -34.83 -8.77 -28.01
CA PHE A 685 -36.26 -8.75 -27.82
C PHE A 685 -36.99 -8.27 -29.08
N LYS A 686 -36.50 -7.24 -29.75
CA LYS A 686 -37.08 -6.71 -30.97
C LYS A 686 -37.15 -7.79 -32.03
N GLN A 687 -36.03 -8.42 -32.35
CA GLN A 687 -36.05 -9.46 -33.37
C GLN A 687 -36.89 -10.65 -32.92
N TRP A 688 -36.96 -10.95 -31.62
CA TRP A 688 -37.78 -12.06 -31.12
C TRP A 688 -39.25 -11.76 -31.35
N MET A 689 -39.69 -10.54 -31.04
CA MET A 689 -41.01 -10.05 -31.37
C MET A 689 -41.23 -10.14 -32.87
N GLU A 690 -40.28 -9.72 -33.69
CA GLU A 690 -40.45 -9.79 -35.14
C GLU A 690 -40.53 -11.22 -35.66
N ASN A 691 -39.85 -12.18 -35.02
CA ASN A 691 -39.99 -13.59 -35.35
C ASN A 691 -41.34 -14.16 -34.90
N GLN A 692 -42.05 -13.49 -34.00
CA GLN A 692 -43.26 -14.01 -33.40
C GLN A 692 -44.49 -13.79 -34.28
N ASP A 693 -44.70 -14.70 -35.24
CA ASP A 693 -45.99 -14.82 -35.93
C ASP A 693 -47.12 -15.18 -34.93
N CYS A 694 -48.34 -14.73 -35.19
CA CYS A 694 -49.50 -14.94 -34.33
C CYS A 694 -50.58 -15.82 -34.97
N ASP A 695 -50.89 -16.93 -34.31
CA ASP A 695 -52.02 -17.81 -34.61
C ASP A 695 -52.73 -18.30 -33.32
N GLU A 696 -52.60 -17.57 -32.22
CA GLU A 696 -53.20 -17.94 -30.94
C GLU A 696 -53.65 -16.71 -30.15
N PRO A 697 -54.69 -16.87 -29.30
CA PRO A 697 -55.16 -15.73 -28.50
C PRO A 697 -54.10 -15.23 -27.51
N ALA A 698 -53.36 -16.18 -26.94
CA ALA A 698 -52.32 -15.91 -25.97
C ALA A 698 -51.19 -15.05 -26.53
N LEU A 699 -50.90 -15.24 -27.82
CA LEU A 699 -49.80 -14.51 -28.48
C LEU A 699 -50.18 -13.19 -29.14
N TYR A 700 -51.42 -12.73 -28.97
CA TYR A 700 -51.83 -11.47 -29.58
C TYR A 700 -51.04 -10.25 -29.04
N PRO A 701 -50.73 -10.23 -27.72
CA PRO A 701 -49.93 -9.05 -27.33
C PRO A 701 -48.46 -9.07 -27.79
N CYS A 702 -47.93 -10.26 -28.07
CA CYS A 702 -46.56 -10.45 -28.52
C CYS A 702 -46.43 -10.62 -30.04
N CYS A 703 -47.42 -10.19 -30.82
CA CYS A 703 -47.36 -10.36 -32.26
C CYS A 703 -46.29 -9.47 -32.90
N SER A 704 -45.56 -10.07 -33.83
CA SER A 704 -44.71 -9.38 -34.82
C SER A 704 -45.46 -8.26 -35.55
N HIS A 705 -46.79 -8.39 -35.66
CA HIS A 705 -47.74 -7.39 -36.13
C HIS A 705 -47.57 -5.99 -35.51
N CYS A 706 -47.20 -5.87 -34.23
CA CYS A 706 -47.08 -4.57 -33.58
C CYS A 706 -45.80 -3.81 -33.96
N SER A 707 -45.88 -2.48 -34.00
CA SER A 707 -44.74 -1.58 -34.26
C SER A 707 -43.76 -1.54 -33.09
N PHE A 708 -42.45 -1.46 -33.36
CA PHE A 708 -41.40 -1.72 -32.38
C PHE A 708 -41.52 -0.97 -31.05
N PRO A 709 -41.87 0.32 -31.01
CA PRO A 709 -42.14 1.01 -29.75
C PRO A 709 -43.46 0.49 -29.15
N TYR A 710 -43.43 -0.69 -28.56
CA TYR A 710 -44.60 -1.42 -28.11
C TYR A 710 -45.32 -0.72 -26.96
N LYS A 711 -46.58 -1.04 -26.76
CA LYS A 711 -47.33 -0.57 -25.58
C LYS A 711 -46.66 -1.09 -24.32
N GLN A 712 -46.52 -0.22 -23.32
CA GLN A 712 -45.80 -0.49 -22.08
C GLN A 712 -46.19 -1.83 -21.44
N GLU A 713 -47.48 -2.08 -21.34
CA GLU A 713 -48.01 -3.31 -20.78
C GLU A 713 -47.63 -4.54 -21.61
N VAL A 714 -47.71 -4.47 -22.93
CA VAL A 714 -47.37 -5.65 -23.74
C VAL A 714 -45.88 -5.87 -23.73
N PHE A 715 -45.08 -4.80 -23.65
CA PHE A 715 -43.65 -4.92 -23.40
C PHE A 715 -43.42 -5.67 -22.09
N GLU A 716 -44.02 -5.18 -21.02
CA GLU A 716 -43.96 -5.77 -19.68
C GLU A 716 -44.40 -7.24 -19.66
N LEU A 717 -45.38 -7.64 -20.48
CA LEU A 717 -45.70 -9.05 -20.63
C LEU A 717 -44.61 -9.78 -21.40
N CYS A 718 -44.44 -9.41 -22.65
CA CYS A 718 -43.77 -10.25 -23.62
C CYS A 718 -42.29 -10.39 -23.28
N ILE A 719 -41.69 -9.37 -22.67
CA ILE A 719 -40.31 -9.45 -22.25
C ILE A 719 -40.09 -10.64 -21.32
N LYS A 720 -41.03 -10.87 -20.39
CA LYS A 720 -40.93 -11.99 -19.45
C LYS A 720 -40.99 -13.31 -20.19
N LYS A 721 -41.92 -13.42 -21.14
CA LYS A 721 -42.04 -14.63 -21.97
C LYS A 721 -40.72 -14.92 -22.67
N ALA A 722 -40.19 -13.90 -23.34
CA ALA A 722 -38.98 -14.04 -24.13
C ALA A 722 -37.80 -14.49 -23.26
N ILE A 723 -37.56 -13.82 -22.14
CA ILE A 723 -36.39 -14.14 -21.34
C ILE A 723 -36.53 -15.47 -20.62
N MET A 724 -37.75 -15.83 -20.16
CA MET A 724 -37.99 -17.07 -19.44
C MET A 724 -37.90 -18.23 -20.42
N GLU A 725 -38.12 -17.94 -21.70
CA GLU A 725 -37.98 -18.88 -22.78
C GLU A 725 -36.52 -19.28 -22.95
N LEU A 726 -35.54 -18.42 -22.59
CA LEU A 726 -34.08 -18.64 -22.78
C LEU A 726 -33.48 -19.86 -22.11
N ASP A 727 -34.16 -20.44 -21.13
CA ASP A 727 -33.80 -21.74 -20.57
C ASP A 727 -34.04 -22.84 -21.63
N ARG A 728 -35.03 -22.66 -22.51
CA ARG A 728 -35.40 -23.62 -23.57
C ARG A 728 -34.94 -23.32 -25.03
N SER A 729 -35.06 -22.07 -25.51
CA SER A 729 -34.63 -21.74 -26.87
C SER A 729 -33.11 -21.78 -27.03
N THR A 730 -32.36 -21.65 -25.93
CA THR A 730 -30.92 -21.93 -25.85
C THR A 730 -30.63 -22.72 -24.58
N GLY A 731 -29.47 -23.37 -24.49
CA GLY A 731 -29.00 -23.97 -23.25
C GLY A 731 -28.44 -22.94 -22.24
N TYR A 732 -28.27 -21.68 -22.63
CA TYR A 732 -27.60 -20.70 -21.80
C TYR A 732 -28.47 -20.24 -20.61
N HIS A 733 -27.86 -20.18 -19.43
CA HIS A 733 -28.47 -19.68 -18.20
C HIS A 733 -27.78 -18.38 -17.77
N LEU A 734 -28.57 -17.38 -17.40
CA LEU A 734 -28.08 -16.11 -16.86
C LEU A 734 -27.34 -16.32 -15.53
N ASN A 735 -26.48 -15.39 -15.17
CA ASN A 735 -25.89 -15.24 -13.86
C ASN A 735 -25.88 -13.76 -13.47
N ASN A 736 -25.48 -13.41 -12.26
CA ASN A 736 -25.47 -12.01 -11.81
C ASN A 736 -24.67 -11.05 -12.71
N LYS A 737 -23.60 -11.49 -13.37
CA LYS A 737 -22.88 -10.69 -14.37
C LYS A 737 -23.65 -10.47 -15.66
N THR A 738 -24.58 -11.35 -16.00
CA THR A 738 -25.19 -11.40 -17.33
C THR A 738 -25.97 -10.12 -17.62
N PRO A 739 -25.76 -9.45 -18.75
CA PRO A 739 -26.52 -8.28 -19.12
C PRO A 739 -28.01 -8.55 -19.28
N GLY A 740 -28.82 -7.50 -19.20
CA GLY A 740 -30.27 -7.59 -19.40
C GLY A 740 -31.05 -6.80 -18.36
N PRO A 741 -32.37 -6.95 -18.32
CA PRO A 741 -33.22 -6.35 -17.31
C PRO A 741 -32.94 -6.92 -15.94
N ARG A 742 -33.49 -6.29 -14.90
CA ARG A 742 -33.43 -6.74 -13.52
C ARG A 742 -34.75 -6.50 -12.81
N PHE A 743 -35.07 -7.35 -11.86
CA PHE A 743 -36.43 -7.56 -11.38
C PHE A 743 -36.66 -7.27 -9.91
N ASP A 744 -37.82 -6.69 -9.62
CA ASP A 744 -38.37 -6.65 -8.29
C ASP A 744 -38.65 -8.08 -7.79
N ILE A 745 -38.91 -8.26 -6.50
CA ILE A 745 -39.31 -9.55 -5.93
C ILE A 745 -40.60 -10.07 -6.57
N ASN A 746 -41.44 -9.16 -7.02
CA ASN A 746 -42.66 -9.40 -7.80
C ASN A 746 -42.51 -8.82 -9.23
N ASP A 747 -41.29 -8.90 -9.74
CA ASP A 747 -40.87 -8.81 -11.14
C ASP A 747 -41.40 -7.67 -12.02
N THR A 748 -41.66 -6.52 -11.42
CA THR A 748 -41.54 -5.27 -12.17
C THR A 748 -40.07 -5.05 -12.56
N ILE A 749 -39.79 -4.42 -13.69
CA ILE A 749 -38.40 -4.05 -14.03
C ILE A 749 -37.96 -2.92 -13.11
N ARG A 750 -36.93 -3.12 -12.31
CA ARG A 750 -36.39 -2.02 -11.56
C ARG A 750 -35.10 -1.41 -12.18
N ALA A 751 -34.42 -2.15 -13.04
CA ALA A 751 -33.16 -1.70 -13.60
C ALA A 751 -32.82 -2.48 -14.86
N VAL A 752 -31.84 -2.02 -15.61
CA VAL A 752 -31.32 -2.73 -16.77
C VAL A 752 -29.84 -2.46 -16.89
N VAL A 753 -29.09 -3.44 -17.35
CA VAL A 753 -27.66 -3.30 -17.59
C VAL A 753 -27.32 -3.80 -18.98
N LEU A 754 -26.50 -3.05 -19.69
CA LEU A 754 -26.03 -3.34 -21.03
C LEU A 754 -24.53 -3.45 -20.99
N GLU A 755 -23.93 -4.21 -21.89
CA GLU A 755 -22.49 -4.39 -21.89
C GLU A 755 -21.91 -4.57 -23.28
N PHE A 756 -20.72 -4.06 -23.53
CA PHE A 756 -20.08 -4.05 -24.85
C PHE A 756 -18.58 -4.15 -24.71
N GLN A 757 -17.88 -4.64 -25.72
CA GLN A 757 -16.42 -4.76 -25.62
C GLN A 757 -15.71 -3.54 -26.17
N SER A 758 -14.69 -3.04 -25.47
CA SER A 758 -13.87 -1.96 -26.00
C SER A 758 -12.88 -2.45 -27.04
N THR A 759 -12.52 -1.57 -27.97
CA THR A 759 -11.25 -1.63 -28.70
C THR A 759 -10.05 -1.65 -27.77
N PHE A 760 -10.09 -0.86 -26.71
CA PHE A 760 -9.07 -0.82 -25.68
C PHE A 760 -8.88 -2.17 -25.00
N LEU A 761 -7.74 -2.34 -24.35
CA LEU A 761 -7.39 -3.55 -23.64
C LEU A 761 -7.10 -3.25 -22.18
N PHE A 762 -7.36 -4.21 -21.32
CA PHE A 762 -7.04 -4.09 -19.91
C PHE A 762 -5.55 -3.82 -19.74
N THR A 763 -5.21 -2.83 -18.94
CA THR A 763 -3.83 -2.47 -18.64
C THR A 763 -3.75 -1.86 -17.26
N LEU A 764 -2.61 -1.99 -16.59
CA LEU A 764 -2.33 -1.29 -15.35
C LEU A 764 -1.75 0.11 -15.60
N ALA A 765 -1.42 0.45 -16.84
CA ALA A 765 -0.76 1.70 -17.16
C ALA A 765 -1.72 2.88 -17.08
N TYR A 766 -1.45 3.82 -16.17
CA TYR A 766 -2.37 4.88 -15.84
C TYR A 766 -2.79 5.73 -17.03
N GLU A 767 -1.88 6.08 -17.93
CA GLU A 767 -2.21 6.96 -19.06
C GLU A 767 -3.22 6.32 -20.00
N LYS A 768 -2.89 5.13 -20.50
CA LYS A 768 -3.73 4.40 -21.44
C LYS A 768 -5.08 4.11 -20.82
N MET A 769 -5.08 3.71 -19.56
CA MET A 769 -6.31 3.45 -18.87
C MET A 769 -7.14 4.71 -18.70
N GLN A 770 -6.50 5.83 -18.39
CA GLN A 770 -7.19 7.10 -18.29
C GLN A 770 -7.77 7.52 -19.63
N GLN A 771 -7.04 7.34 -20.72
CA GLN A 771 -7.54 7.66 -22.05
C GLN A 771 -8.84 6.91 -22.32
N PHE A 772 -8.85 5.60 -22.05
CA PHE A 772 -10.04 4.77 -22.20
C PHE A 772 -11.19 5.32 -21.37
N TYR A 773 -10.97 5.50 -20.07
CA TYR A 773 -12.04 5.93 -19.20
C TYR A 773 -12.60 7.27 -19.63
N LYS A 774 -11.75 8.26 -19.87
CA LYS A 774 -12.24 9.61 -20.12
C LYS A 774 -12.98 9.69 -21.43
N GLU A 775 -12.50 9.02 -22.47
CA GLU A 775 -13.22 8.97 -23.73
C GLU A 775 -14.61 8.38 -23.51
N VAL A 776 -14.68 7.16 -23.00
CA VAL A 776 -15.94 6.44 -22.99
C VAL A 776 -16.93 7.10 -22.06
N ASP A 777 -16.51 7.50 -20.87
CA ASP A 777 -17.40 8.21 -19.98
C ASP A 777 -17.88 9.52 -20.62
N SER A 778 -16.99 10.29 -21.23
CA SER A 778 -17.40 11.57 -21.79
C SER A 778 -18.48 11.37 -22.85
N TRP A 779 -18.31 10.39 -23.73
CA TRP A 779 -19.31 10.17 -24.74
C TRP A 779 -20.62 9.73 -24.14
N ILE A 780 -20.60 8.75 -23.24
CA ILE A 780 -21.83 8.23 -22.65
C ILE A 780 -22.53 9.33 -21.86
N SER A 781 -21.78 10.09 -21.08
CA SER A 781 -22.35 11.15 -20.24
C SER A 781 -22.94 12.27 -21.08
N HIS A 782 -22.28 12.64 -22.18
CA HIS A 782 -22.91 13.53 -23.14
C HIS A 782 -24.18 12.88 -23.69
N GLU A 783 -24.09 11.69 -24.22
CA GLU A 783 -25.17 11.06 -24.95
C GLU A 783 -26.40 10.83 -24.09
N LEU A 784 -26.23 10.46 -22.83
CA LEU A 784 -27.32 10.34 -21.87
C LEU A 784 -28.10 11.64 -21.71
N SER A 785 -27.49 12.79 -21.94
CA SER A 785 -28.18 14.07 -21.88
C SER A 785 -29.32 14.16 -22.90
N SER A 786 -29.26 13.37 -23.97
CA SER A 786 -30.33 13.28 -24.96
C SER A 786 -31.52 12.44 -24.51
N ALA A 787 -31.34 11.58 -23.51
CA ALA A 787 -32.30 10.51 -23.23
C ALA A 787 -33.65 11.03 -22.71
N PRO A 788 -34.77 10.39 -23.08
CA PRO A 788 -36.04 10.64 -22.45
C PRO A 788 -35.95 10.30 -20.97
N GLU A 789 -36.94 10.74 -20.20
CA GLU A 789 -36.85 10.64 -18.77
C GLU A 789 -36.75 9.20 -18.26
N GLY A 790 -36.18 9.08 -17.08
CA GLY A 790 -35.94 7.81 -16.42
C GLY A 790 -34.71 7.10 -16.97
N LEU A 791 -34.52 7.05 -18.29
CA LEU A 791 -33.22 6.70 -18.85
C LEU A 791 -32.20 7.82 -18.70
N SER A 792 -32.64 8.99 -18.28
CA SER A 792 -31.84 10.18 -18.06
C SER A 792 -30.69 10.08 -17.07
N ARG A 793 -30.81 9.11 -16.18
CA ARG A 793 -29.88 9.01 -15.09
C ARG A 793 -29.05 7.78 -15.01
N GLY A 794 -28.68 7.12 -16.16
CA GLY A 794 -27.78 5.98 -16.26
C GLY A 794 -26.32 6.35 -15.97
N TRP A 795 -25.45 5.36 -15.90
CA TRP A 795 -24.02 5.52 -15.65
C TRP A 795 -23.22 4.34 -16.17
N PHE A 796 -21.91 4.47 -16.29
CA PHE A 796 -21.05 3.47 -16.93
C PHE A 796 -19.95 2.98 -16.02
N VAL A 797 -19.55 1.72 -16.09
CA VAL A 797 -18.44 1.18 -15.31
C VAL A 797 -17.80 -0.03 -15.99
N SER A 798 -16.53 -0.35 -15.71
CA SER A 798 -15.92 -1.62 -16.15
C SER A 798 -14.56 -1.89 -15.52
N ASN A 799 -14.40 -2.91 -14.68
CA ASN A 799 -13.10 -3.46 -14.23
C ASN A 799 -12.02 -2.40 -13.93
N LEU A 800 -12.41 -1.35 -13.24
CA LEU A 800 -11.66 -0.11 -13.11
C LEU A 800 -11.14 0.12 -11.69
N GLU A 801 -11.14 -0.92 -10.86
CA GLU A 801 -10.77 -0.81 -9.45
C GLU A 801 -9.33 -0.33 -9.29
N PHE A 802 -8.40 -0.97 -9.98
CA PHE A 802 -7.01 -0.63 -9.88
C PHE A 802 -6.69 0.75 -10.44
N TYR A 803 -7.36 1.14 -11.51
CA TYR A 803 -7.22 2.49 -12.00
C TYR A 803 -7.67 3.49 -10.95
N ASP A 804 -8.77 3.24 -10.25
CA ASP A 804 -9.26 4.23 -9.34
C ASP A 804 -8.34 4.41 -8.15
N LEU A 805 -7.65 3.36 -7.72
CA LEU A 805 -6.60 3.50 -6.73
C LEU A 805 -5.50 4.42 -7.25
N GLN A 806 -4.96 4.17 -8.44
CA GLN A 806 -3.92 5.02 -8.98
C GLN A 806 -4.37 6.47 -9.04
N ASP A 807 -5.52 6.73 -9.65
CA ASP A 807 -5.98 8.10 -9.76
C ASP A 807 -6.22 8.75 -8.40
N SER A 808 -6.58 7.97 -7.40
CA SER A 808 -6.76 8.51 -6.08
C SER A 808 -5.46 8.69 -5.32
N LEU A 809 -4.40 7.95 -5.62
CA LEU A 809 -3.13 8.15 -4.93
C LEU A 809 -2.47 9.45 -5.34
N SER A 810 -2.46 9.79 -6.61
CA SER A 810 -1.82 11.03 -7.05
C SER A 810 -2.55 12.23 -6.48
N ASP A 811 -3.86 12.34 -6.66
CA ASP A 811 -4.59 13.47 -6.11
C ASP A 811 -4.51 13.51 -4.60
N GLY A 812 -4.69 12.36 -3.93
CA GLY A 812 -4.56 12.32 -2.48
C GLY A 812 -3.20 12.80 -1.99
N THR A 813 -2.14 12.50 -2.73
CA THR A 813 -0.81 12.97 -2.38
C THR A 813 -0.71 14.45 -2.59
N LEU A 814 -1.04 14.94 -3.77
CA LEU A 814 -0.79 16.33 -4.13
C LEU A 814 -1.55 17.24 -3.17
N ILE A 815 -2.82 16.98 -2.93
CA ILE A 815 -3.62 17.83 -2.06
C ILE A 815 -3.10 17.79 -0.62
N ALA A 816 -2.69 16.64 -0.10
CA ALA A 816 -2.08 16.59 1.22
C ALA A 816 -0.74 17.32 1.27
N MET A 817 0.00 17.41 0.17
CA MET A 817 1.13 18.32 0.07
C MET A 817 0.68 19.75 0.20
N GLY A 818 -0.19 20.21 -0.68
CA GLY A 818 -0.60 21.61 -0.73
C GLY A 818 -1.12 22.09 0.60
N LEU A 819 -1.93 21.26 1.25
CA LEU A 819 -2.39 21.55 2.59
C LEU A 819 -1.23 21.60 3.58
N SER A 820 -0.38 20.58 3.65
CA SER A 820 0.68 20.54 4.67
C SER A 820 1.71 21.63 4.48
N VAL A 821 2.02 22.02 3.25
CA VAL A 821 2.89 23.16 2.99
C VAL A 821 2.21 24.45 3.41
N ALA A 822 0.94 24.64 3.12
CA ALA A 822 0.23 25.84 3.51
C ALA A 822 0.23 26.03 5.02
N VAL A 823 -0.12 25.01 5.79
CA VAL A 823 -0.07 25.12 7.24
C VAL A 823 1.36 25.32 7.73
N ALA A 824 2.34 24.60 7.20
CA ALA A 824 3.73 24.80 7.60
C ALA A 824 4.20 26.23 7.35
N PHE A 825 3.84 26.81 6.21
CA PHE A 825 4.11 28.22 5.94
C PHE A 825 3.38 29.15 6.89
N SER A 826 2.13 28.87 7.25
CA SER A 826 1.44 29.73 8.20
C SER A 826 2.12 29.74 9.57
N VAL A 827 2.55 28.58 10.07
CA VAL A 827 3.31 28.50 11.32
C VAL A 827 4.60 29.29 11.22
N MET A 828 5.26 29.20 10.07
CA MET A 828 6.47 29.94 9.86
C MET A 828 6.26 31.45 9.97
N LEU A 829 5.17 31.98 9.41
CA LEU A 829 4.83 33.37 9.62
C LEU A 829 4.54 33.64 11.08
N LEU A 830 3.63 32.89 11.66
CA LEU A 830 3.13 33.17 13.00
C LEU A 830 4.19 33.07 14.09
N THR A 831 5.33 32.44 13.83
CA THR A 831 6.44 32.40 14.75
C THR A 831 7.48 33.46 14.45
N THR A 832 7.90 33.60 13.20
CA THR A 832 8.99 34.53 12.87
C THR A 832 8.51 35.96 12.71
N TRP A 833 7.24 36.17 12.41
CA TRP A 833 6.65 37.47 12.09
C TRP A 833 7.40 38.27 11.03
N ASN A 834 8.16 37.59 10.18
CA ASN A 834 8.99 38.23 9.21
C ASN A 834 8.91 37.50 7.90
N ILE A 835 8.31 38.15 6.91
CA ILE A 835 8.00 37.44 5.68
C ILE A 835 9.26 36.97 4.97
N ILE A 836 10.36 37.72 5.11
CA ILE A 836 11.61 37.37 4.47
C ILE A 836 12.11 36.06 5.02
N ILE A 837 12.12 35.92 6.34
CA ILE A 837 12.59 34.70 6.95
C ILE A 837 11.71 33.53 6.56
N SER A 838 10.41 33.75 6.55
CA SER A 838 9.48 32.69 6.19
C SER A 838 9.71 32.24 4.76
N LEU A 839 9.97 33.15 3.85
CA LEU A 839 10.19 32.77 2.46
C LEU A 839 11.41 31.86 2.37
N TYR A 840 12.49 32.21 3.07
CA TYR A 840 13.67 31.37 3.01
C TYR A 840 13.39 30.04 3.65
N ALA A 841 12.64 30.03 4.74
CA ALA A 841 12.33 28.78 5.41
C ALA A 841 11.55 27.88 4.48
N ILE A 842 10.60 28.46 3.78
CA ILE A 842 9.80 27.68 2.85
C ILE A 842 10.68 27.16 1.71
N VAL A 843 11.63 27.94 1.23
CA VAL A 843 12.48 27.45 0.16
C VAL A 843 13.30 26.25 0.61
N SER A 844 13.83 26.32 1.82
CA SER A 844 14.64 25.23 2.33
C SER A 844 13.78 24.00 2.58
N ILE A 845 12.60 24.20 3.14
CA ILE A 845 11.70 23.07 3.34
C ILE A 845 11.42 22.41 2.01
N ALA A 846 11.00 23.18 1.02
CA ALA A 846 10.74 22.67 -0.31
C ALA A 846 11.95 21.89 -0.85
N GLY A 847 13.15 22.44 -0.71
CA GLY A 847 14.37 21.74 -1.06
C GLY A 847 14.49 20.37 -0.42
N THR A 848 14.19 20.23 0.87
CA THR A 848 14.27 18.91 1.50
C THR A 848 13.30 17.92 0.88
N ILE A 849 12.13 18.39 0.46
CA ILE A 849 11.15 17.50 -0.14
C ILE A 849 11.71 17.03 -1.46
N PHE A 850 12.21 17.91 -2.32
CA PHE A 850 12.77 17.47 -3.58
C PHE A 850 13.93 16.52 -3.42
N VAL A 851 14.81 16.73 -2.46
CA VAL A 851 15.92 15.79 -2.31
C VAL A 851 15.45 14.49 -1.73
N THR A 852 14.59 14.49 -0.71
CA THR A 852 14.06 13.23 -0.17
C THR A 852 13.24 12.48 -1.19
N VAL A 853 12.25 13.11 -1.81
CA VAL A 853 11.45 12.40 -2.79
C VAL A 853 12.31 11.97 -3.96
N GLY A 854 13.21 12.82 -4.46
CA GLY A 854 14.09 12.43 -5.54
C GLY A 854 14.93 11.21 -5.19
N SER A 855 15.50 11.19 -4.00
CA SER A 855 16.29 10.04 -3.59
C SER A 855 15.44 8.82 -3.37
N LEU A 856 14.19 8.95 -2.93
CA LEU A 856 13.29 7.81 -2.81
C LEU A 856 12.85 7.29 -4.17
N VAL A 857 12.73 8.15 -5.16
CA VAL A 857 12.53 7.74 -6.55
C VAL A 857 13.73 6.95 -7.03
N LEU A 858 14.94 7.44 -6.82
CA LEU A 858 16.15 6.74 -7.23
C LEU A 858 16.34 5.42 -6.50
N LEU A 859 16.00 5.35 -5.23
CA LEU A 859 15.89 4.10 -4.48
C LEU A 859 14.80 3.18 -5.02
N GLY A 860 13.93 3.66 -5.91
CA GLY A 860 12.96 2.86 -6.63
C GLY A 860 11.60 2.74 -5.96
N TRP A 861 11.21 3.68 -5.11
CA TRP A 861 9.86 3.69 -4.56
C TRP A 861 8.86 4.07 -5.63
N GLU A 862 7.83 3.27 -5.85
CA GLU A 862 6.61 3.77 -6.49
C GLU A 862 5.88 4.72 -5.54
N LEU A 863 4.96 5.55 -6.03
CA LEU A 863 3.99 6.22 -5.18
C LEU A 863 2.94 5.24 -4.65
N ASN A 864 3.34 4.12 -4.05
CA ASN A 864 2.39 3.19 -3.46
C ASN A 864 1.87 3.71 -2.11
N VAL A 865 1.00 2.97 -1.42
CA VAL A 865 0.19 3.52 -0.33
C VAL A 865 0.99 4.14 0.78
N LEU A 866 1.83 3.40 1.49
N LEU A 866 1.83 3.38 1.50
CA LEU A 866 2.54 3.98 2.61
CA LEU A 866 2.54 3.95 2.66
C LEU A 866 3.39 5.16 2.15
C LEU A 866 3.43 5.10 2.20
N GLU A 867 4.12 4.96 1.07
CA GLU A 867 5.00 5.93 0.52
C GLU A 867 4.25 7.23 0.26
N SER A 868 3.08 7.19 -0.36
CA SER A 868 2.27 8.37 -0.62
C SER A 868 1.84 9.11 0.64
N VAL A 869 1.79 8.46 1.80
CA VAL A 869 1.59 9.15 3.06
C VAL A 869 2.85 9.89 3.45
N THR A 870 3.99 9.20 3.41
CA THR A 870 5.23 9.72 3.95
C THR A 870 5.59 11.05 3.32
N ILE A 871 5.27 11.27 2.06
CA ILE A 871 5.62 12.51 1.38
C ILE A 871 4.96 13.72 2.06
N SER A 872 3.73 13.62 2.55
CA SER A 872 3.15 14.69 3.36
C SER A 872 3.86 14.84 4.69
N VAL A 873 4.12 13.72 5.35
CA VAL A 873 4.81 13.71 6.63
C VAL A 873 6.13 14.43 6.54
N ALA A 874 6.86 14.26 5.44
CA ALA A 874 8.14 14.90 5.24
C ALA A 874 8.05 16.40 5.40
N VAL A 875 6.94 17.02 5.02
CA VAL A 875 6.76 18.46 5.20
C VAL A 875 6.73 18.82 6.68
N GLY A 876 5.97 18.08 7.48
CA GLY A 876 5.92 18.30 8.93
C GLY A 876 7.26 18.06 9.60
N LEU A 877 7.93 16.98 9.25
CA LEU A 877 9.23 16.63 9.83
C LEU A 877 10.30 17.62 9.40
N SER A 878 10.23 18.15 8.20
CA SER A 878 11.17 19.14 7.71
C SER A 878 10.97 20.48 8.37
N VAL A 879 9.75 20.97 8.48
CA VAL A 879 9.52 22.36 8.85
C VAL A 879 10.07 22.70 10.22
N ASN A 880 9.98 21.81 11.20
CA ASN A 880 10.31 22.24 12.55
C ASN A 880 11.77 22.64 12.70
N PHE A 881 12.72 22.00 12.00
CA PHE A 881 14.09 22.48 12.08
C PHE A 881 14.23 23.88 11.56
N ALA A 882 13.60 24.23 10.45
CA ALA A 882 13.65 25.60 9.97
C ALA A 882 12.93 26.55 10.91
N VAL A 883 11.90 26.13 11.63
CA VAL A 883 11.27 26.99 12.63
C VAL A 883 12.24 27.34 13.73
N HIS A 884 12.94 26.35 14.29
CA HIS A 884 13.89 26.62 15.37
C HIS A 884 14.94 27.63 14.93
N TYR A 885 15.58 27.43 13.80
CA TYR A 885 16.54 28.41 13.36
C TYR A 885 15.88 29.75 13.09
N GLY A 886 14.68 29.76 12.54
CA GLY A 886 13.95 31.00 12.25
C GLY A 886 13.72 31.81 13.51
N VAL A 887 13.17 31.21 14.56
CA VAL A 887 12.91 31.96 15.78
C VAL A 887 14.20 32.44 16.40
N ALA A 888 15.23 31.60 16.47
CA ALA A 888 16.48 32.00 17.05
C ALA A 888 17.13 33.15 16.28
N TYR A 889 17.04 33.18 14.95
CA TYR A 889 17.51 34.30 14.16
C TYR A 889 16.79 35.60 14.50
N ARG A 890 15.50 35.57 14.79
CA ARG A 890 14.88 36.83 15.17
C ARG A 890 15.29 37.21 16.59
N LEU A 891 15.30 36.21 17.47
CA LEU A 891 15.59 36.44 18.88
C LEU A 891 17.03 36.92 19.13
N ALA A 892 17.94 36.72 18.19
CA ALA A 892 19.28 37.24 18.32
C ALA A 892 19.26 38.73 18.62
N PRO A 893 19.92 39.21 19.68
CA PRO A 893 19.99 40.64 19.96
C PRO A 893 20.92 41.34 18.97
N ASP A 894 21.85 40.60 18.38
CA ASP A 894 22.86 41.12 17.46
C ASP A 894 22.25 41.96 16.34
N PRO A 895 22.88 43.07 15.94
CA PRO A 895 22.35 43.96 14.93
C PRO A 895 22.55 43.46 13.51
N ASP A 896 23.40 42.47 13.26
CA ASP A 896 23.89 42.14 11.91
C ASP A 896 23.82 40.64 11.56
N ARG A 897 23.79 40.36 10.24
CA ARG A 897 23.60 39.04 9.68
C ARG A 897 24.47 38.00 10.36
N GLU A 898 25.76 38.20 10.30
CA GLU A 898 26.72 37.27 10.87
C GLU A 898 26.45 37.04 12.35
N GLY A 899 26.17 38.08 13.12
CA GLY A 899 25.86 37.92 14.53
C GLY A 899 24.60 37.08 14.70
N LYS A 900 23.55 37.43 13.97
CA LYS A 900 22.28 36.74 14.05
C LYS A 900 22.45 35.25 13.78
N VAL A 901 23.11 34.87 12.70
CA VAL A 901 23.26 33.44 12.42
C VAL A 901 24.14 32.76 13.44
N ILE A 902 25.24 33.39 13.87
CA ILE A 902 26.14 32.78 14.85
C ILE A 902 25.39 32.51 16.14
N PHE A 903 24.61 33.48 16.61
CA PHE A 903 23.71 33.29 17.74
C PHE A 903 22.79 32.11 17.47
N SER A 904 22.10 32.07 16.34
CA SER A 904 21.13 31.01 16.09
C SER A 904 21.76 29.65 16.11
N LEU A 905 22.90 29.48 15.46
CA LEU A 905 23.56 28.19 15.40
C LEU A 905 24.06 27.80 16.76
N SER A 906 24.80 28.68 17.43
CA SER A 906 25.34 28.36 18.74
C SER A 906 24.22 28.06 19.73
N ARG A 907 23.09 28.77 19.65
CA ARG A 907 21.95 28.58 20.56
C ARG A 907 21.18 27.30 20.29
N MET A 908 20.96 26.91 19.04
CA MET A 908 20.11 25.75 18.69
C MET A 908 20.84 24.47 18.32
N GLY A 909 22.07 24.55 17.85
CA GLY A 909 22.73 23.47 17.11
C GLY A 909 22.71 22.14 17.83
N SER A 910 23.02 22.10 19.12
CA SER A 910 22.99 20.88 19.90
C SER A 910 21.61 20.25 19.92
N ALA A 911 20.59 21.03 20.27
CA ALA A 911 19.24 20.48 20.41
C ALA A 911 18.70 19.98 19.07
N ILE A 912 18.90 20.75 18.00
CA ILE A 912 18.57 20.30 16.66
C ILE A 912 19.28 19.01 16.35
N ALA A 913 20.59 18.95 16.53
CA ALA A 913 21.32 17.75 16.18
C ALA A 913 20.79 16.55 16.95
N MET A 914 20.45 16.67 18.22
CA MET A 914 19.87 15.53 18.93
C MET A 914 18.53 15.11 18.36
N ALA A 915 17.68 16.05 17.98
CA ALA A 915 16.41 15.69 17.41
C ALA A 915 16.61 14.89 16.12
N ALA A 916 17.52 15.34 15.28
CA ALA A 916 17.81 14.64 14.06
C ALA A 916 18.41 13.28 14.36
N LEU A 917 19.45 13.24 15.17
CA LEU A 917 20.21 12.05 15.44
C LEU A 917 19.36 10.95 16.07
N THR A 918 18.55 11.26 17.06
CA THR A 918 17.67 10.27 17.66
C THR A 918 16.70 9.71 16.66
N THR A 919 16.07 10.57 15.86
CA THR A 919 15.15 10.11 14.85
C THR A 919 15.87 9.24 13.85
N PHE A 920 17.04 9.66 13.40
CA PHE A 920 17.84 8.87 12.48
C PHE A 920 18.16 7.51 13.05
N VAL A 921 18.69 7.40 14.26
CA VAL A 921 19.07 6.11 14.82
C VAL A 921 17.85 5.22 15.02
N ALA A 922 16.73 5.78 15.44
CA ALA A 922 15.49 5.01 15.51
C ALA A 922 15.15 4.45 14.14
N GLY A 923 15.24 5.27 13.10
CA GLY A 923 15.03 4.83 11.73
C GLY A 923 15.97 3.70 11.34
N ALA A 924 17.26 3.84 11.58
CA ALA A 924 18.22 2.81 11.27
C ALA A 924 17.88 1.50 11.95
N MET A 925 17.35 1.55 13.16
CA MET A 925 17.01 0.35 13.86
C MET A 925 15.95 -0.50 13.17
N MET A 926 15.16 0.06 12.25
CA MET A 926 14.18 -0.68 11.49
C MET A 926 14.77 -1.46 10.32
N MET A 927 15.96 -1.13 9.85
CA MET A 927 16.57 -1.81 8.73
C MET A 927 16.53 -3.33 8.79
N PRO A 928 16.91 -4.02 9.87
CA PRO A 928 16.91 -5.48 9.90
C PRO A 928 15.54 -6.13 9.79
N SER A 929 14.44 -5.38 9.76
CA SER A 929 13.11 -5.96 9.66
C SER A 929 12.88 -6.74 8.37
N THR A 930 11.79 -7.47 8.36
CA THR A 930 11.36 -8.36 7.30
C THR A 930 10.13 -7.81 6.60
N VAL A 931 9.25 -7.15 7.32
CA VAL A 931 8.08 -6.47 6.78
C VAL A 931 8.49 -5.20 6.05
N LEU A 932 8.06 -5.04 4.80
CA LEU A 932 8.45 -3.90 3.97
C LEU A 932 8.16 -2.55 4.57
N ALA A 933 7.00 -2.39 5.19
CA ALA A 933 6.62 -1.11 5.75
C ALA A 933 7.59 -0.65 6.82
N TYR A 934 8.05 -1.58 7.65
CA TYR A 934 9.00 -1.27 8.69
C TYR A 934 10.30 -0.77 8.08
N THR A 935 10.78 -1.48 7.05
CA THR A 935 11.99 -1.07 6.39
C THR A 935 11.77 0.21 5.63
N GLN A 936 10.61 0.33 5.01
CA GLN A 936 10.30 1.54 4.25
C GLN A 936 10.24 2.76 5.15
N LEU A 937 9.67 2.64 6.34
CA LEU A 937 9.68 3.78 7.24
C LEU A 937 11.11 4.09 7.64
N GLY A 938 11.86 3.04 7.93
CA GLY A 938 13.24 3.15 8.31
C GLY A 938 14.04 3.98 7.36
N THR A 939 14.10 3.56 6.09
CA THR A 939 14.82 4.36 5.10
C THR A 939 14.36 5.79 5.14
N PHE A 940 13.06 6.01 5.20
CA PHE A 940 12.51 7.34 5.10
C PHE A 940 12.93 8.21 6.25
N MET A 941 12.85 7.72 7.48
CA MET A 941 13.28 8.47 8.64
C MET A 941 14.74 8.84 8.52
N MET A 942 15.62 7.92 8.16
CA MET A 942 17.03 8.25 8.06
C MET A 942 17.24 9.35 7.04
N LEU A 943 16.64 9.16 5.89
CA LEU A 943 16.84 10.03 4.75
C LEU A 943 16.29 11.41 5.00
N VAL A 944 15.05 11.54 5.46
CA VAL A 944 14.50 12.85 5.72
C VAL A 944 15.22 13.53 6.84
N MET A 945 15.80 12.77 7.75
CA MET A 945 16.58 13.36 8.81
C MET A 945 17.78 14.10 8.29
N CYS A 946 18.66 13.40 7.59
CA CYS A 946 19.87 14.01 7.09
C CYS A 946 19.55 15.16 6.20
N VAL A 947 18.64 14.94 5.27
CA VAL A 947 18.31 15.95 4.32
C VAL A 947 17.72 17.20 4.98
N SER A 948 16.79 17.03 5.91
CA SER A 948 16.21 18.20 6.57
C SER A 948 17.17 18.85 7.50
N TRP A 949 18.00 18.10 8.18
CA TRP A 949 19.05 18.67 8.99
C TRP A 949 20.03 19.43 8.15
N ALA A 950 20.48 18.89 7.03
CA ALA A 950 21.44 19.54 6.19
C ALA A 950 20.86 20.84 5.62
N PHE A 951 19.67 20.82 5.02
CA PHE A 951 19.11 22.06 4.51
C PHE A 951 18.87 23.08 5.60
N ALA A 952 18.41 22.66 6.77
CA ALA A 952 18.14 23.60 7.84
C ALA A 952 19.42 24.17 8.45
N THR A 953 20.51 23.41 8.55
CA THR A 953 21.75 23.93 9.12
C THR A 953 22.59 24.65 8.11
N PHE A 954 22.65 24.24 6.86
CA PHE A 954 23.47 24.91 5.86
C PHE A 954 22.66 25.90 5.05
N PHE A 955 21.82 25.43 4.17
CA PHE A 955 21.22 26.28 3.16
C PHE A 955 20.46 27.43 3.79
N PHE A 956 19.60 27.13 4.75
CA PHE A 956 18.85 28.17 5.44
C PHE A 956 19.76 29.19 6.14
N GLN A 957 20.86 28.73 6.71
CA GLN A 957 21.81 29.63 7.34
C GLN A 957 22.67 30.39 6.35
N CYS A 958 22.92 29.91 5.12
CA CYS A 958 23.39 30.85 4.11
C CYS A 958 22.34 31.90 3.95
N LEU A 959 21.13 31.59 3.51
CA LEU A 959 20.17 32.64 3.12
C LEU A 959 19.97 33.70 4.21
N CYS A 960 20.11 33.32 5.46
CA CYS A 960 20.29 34.28 6.53
C CYS A 960 21.65 35.01 6.51
N ARG A 961 22.78 34.33 6.48
CA ARG A 961 24.07 35.03 6.46
C ARG A 961 24.30 35.92 5.23
N CYS A 962 23.97 35.34 4.10
CA CYS A 962 24.24 35.88 2.78
C CYS A 962 23.13 36.80 2.27
N LEU A 963 21.92 36.80 2.84
CA LEU A 963 20.78 37.64 2.40
C LEU A 963 19.78 37.99 3.53
N GLY A 964 20.13 37.83 4.79
CA GLY A 964 19.17 37.89 5.89
C GLY A 964 18.68 39.30 6.20
N PRO A 965 17.44 39.47 6.68
CA PRO A 965 16.93 40.77 7.05
C PRO A 965 17.62 41.22 8.32
N GLN A 966 18.49 42.22 8.23
CA GLN A 966 19.09 42.86 9.41
C GLN A 966 18.46 44.22 9.71
N GLY A 967 18.12 44.98 8.66
CA GLY A 967 17.09 46.01 8.78
C GLY A 967 15.73 45.38 9.10
N THR A 968 14.83 46.14 9.71
CA THR A 968 13.52 45.66 10.16
C THR A 968 12.49 45.43 9.03
N CYS A 969 12.84 45.70 7.78
CA CYS A 969 11.87 45.80 6.68
C CYS A 969 11.06 44.52 6.47
N GLY A 970 11.64 43.34 6.72
CA GLY A 970 10.91 42.08 6.61
C GLY A 970 9.85 41.86 7.69
N GLN A 971 9.85 42.62 8.77
CA GLN A 971 8.99 42.39 9.95
C GLN A 971 7.57 42.92 9.77
N ILE A 972 6.59 42.29 10.40
CA ILE A 972 5.17 42.70 10.36
C ILE A 972 4.62 42.80 11.79
N PRO A 973 3.85 43.86 12.13
CA PRO A 973 3.33 44.07 13.49
C PRO A 973 2.17 43.15 13.84
N PHE A 974 1.93 42.93 15.14
CA PHE A 974 0.88 42.06 15.65
C PHE A 974 -0.53 42.59 15.37
C1 NAG B . 23.90 -23.46 4.16
C2 NAG B . 23.55 -24.96 4.10
C3 NAG B . 24.76 -25.69 3.49
C4 NAG B . 25.04 -25.13 2.11
C5 NAG B . 25.30 -23.62 2.14
C6 NAG B . 25.44 -22.99 0.75
C7 NAG B . 23.97 -25.63 6.45
C8 NAG B . 23.37 -26.36 7.66
N2 NAG B . 23.17 -25.54 5.39
O3 NAG B . 24.51 -27.12 3.39
O4 NAG B . 26.22 -25.79 1.61
O5 NAG B . 24.17 -22.96 2.81
O6 NAG B . 26.68 -23.42 0.15
O7 NAG B . 25.11 -25.19 6.45
C1 NAG C . -24.39 5.42 -37.11
C2 NAG C . -24.05 4.72 -38.46
C3 NAG C . -25.32 4.61 -39.30
C4 NAG C . -26.43 3.89 -38.51
C5 NAG C . -26.73 4.61 -37.19
C6 NAG C . -27.73 3.87 -36.28
C7 NAG C . -21.77 5.12 -39.28
C8 NAG C . -20.84 6.14 -39.96
N2 NAG C . -23.04 5.49 -39.18
O3 NAG C . -25.05 3.87 -40.53
O4 NAG C . -27.61 3.89 -39.34
O5 NAG C . -25.48 4.75 -36.41
O6 NAG C . -27.60 4.41 -34.95
O7 NAG C . -21.37 4.05 -38.85
C1 NAG D . -44.07 -5.84 -4.77
C2 NAG D . -44.97 -5.74 -3.52
C3 NAG D . -44.87 -4.33 -2.92
C4 NAG D . -43.42 -4.03 -2.59
C5 NAG D . -42.52 -4.16 -3.83
C6 NAG D . -41.04 -3.87 -3.53
C7 NAG D . -46.86 -7.26 -3.81
C8 NAG D . -48.34 -7.42 -4.13
N2 NAG D . -46.37 -6.03 -3.86
O3 NAG D . -45.67 -4.22 -1.71
O4 NAG D . -43.40 -2.66 -2.13
O5 NAG D . -42.70 -5.53 -4.38
O6 NAG D . -40.29 -5.09 -3.39
O7 NAG D . -46.13 -8.22 -3.55
C1 NAG E . 6.82 -20.94 -37.96
C2 NAG E . 6.90 -22.23 -38.82
C3 NAG E . 7.12 -21.82 -40.28
C4 NAG E . 6.00 -20.91 -40.75
C5 NAG E . 5.83 -19.67 -39.84
C6 NAG E . 4.58 -18.84 -40.17
C7 NAG E . 7.81 -24.21 -37.65
C8 NAG E . 9.09 -24.90 -37.16
N2 NAG E . 7.99 -23.09 -38.36
O3 NAG E . 7.18 -23.00 -41.15
O4 NAG E . 6.34 -20.46 -42.08
O5 NAG E . 5.72 -20.09 -38.42
O6 NAG E . 3.42 -19.54 -39.70
O7 NAG E . 6.70 -24.65 -37.39
C1 NAG F . 10.60 -49.55 -20.05
C2 NAG F . 11.16 -50.43 -21.19
C3 NAG F . 10.24 -51.65 -21.35
C4 NAG F . 10.16 -52.41 -20.01
C5 NAG F . 9.83 -51.52 -18.79
C6 NAG F . 10.06 -52.30 -17.49
C7 NAG F . 10.44 -48.98 -23.07
C8 NAG F . 10.90 -48.29 -24.37
N2 NAG F . 11.37 -49.70 -22.44
O3 NAG F . 10.77 -52.54 -22.37
O4 NAG F . 9.13 -53.43 -20.15
O5 NAG F . 10.68 -50.30 -18.79
O6 NAG F . 9.60 -51.55 -16.37
O7 NAG F . 9.30 -48.85 -22.63
CAA Y01 G . -6.28 20.40 28.29
CBA Y01 G . -5.94 21.57 27.33
CAB Y01 G . -6.36 21.20 25.89
CAN Y01 G . -4.45 21.97 27.38
CAJ Y01 G . -4.04 22.65 28.71
CAO Y01 G . -2.57 23.13 28.71
CBB Y01 G . -2.36 24.44 29.53
CAC Y01 G . -2.73 24.21 31.03
CBE Y01 G . -0.90 25.00 29.36
CAP Y01 G . -0.51 25.23 27.86
CAQ Y01 G . 0.55 26.35 27.84
CBG Y01 G . 0.74 26.77 29.30
CBI Y01 G . -0.58 26.40 30.01
CAE Y01 G . -1.75 27.41 29.71
CAU Y01 G . -0.23 26.40 31.52
CAS Y01 G . 0.19 27.82 32.00
CBF Y01 G . 1.24 28.56 31.08
CBD Y01 G . 1.16 28.22 29.55
CAK Y01 G . 2.52 28.59 28.92
CAI Y01 G . 2.90 30.00 29.29
CAZ Y01 G . 2.31 30.72 30.27
CAV Y01 G . 2.55 32.22 30.39
CBH Y01 G . 1.30 30.14 31.26
CAD Y01 G . -0.11 30.79 31.00
CAT Y01 G . 1.77 30.50 32.69
CAR Y01 G . 1.93 32.02 32.93
CBC Y01 G . 2.83 32.68 31.85
OAW Y01 G . 2.75 34.14 31.93
CAY Y01 G . 1.61 34.85 31.65
OAG Y01 G . 0.53 34.37 31.37
CAM Y01 G . 1.86 36.36 31.76
CAL Y01 G . 0.61 37.21 31.40
CAX Y01 G . 0.86 38.70 31.55
OAH Y01 G . 0.46 39.26 32.56
OAF Y01 G . 1.37 39.29 30.61
CAA Y01 H . 23.48 0.06 19.67
CBA Y01 H . 23.65 0.81 18.33
CAB Y01 H . 24.03 -0.22 17.23
CAN Y01 H . 24.72 1.94 18.42
CAJ Y01 H . 24.37 3.07 19.41
CAO Y01 H . 25.43 4.21 19.40
CBB Y01 H . 25.09 5.42 20.33
CAC Y01 H . 25.20 4.98 21.82
CBE Y01 H . 26.00 6.67 20.02
CAP Y01 H . 25.91 7.13 18.52
CAQ Y01 H . 25.97 8.67 18.47
CBG Y01 H . 26.35 9.08 19.90
CBI Y01 H . 25.73 8.00 20.80
CAE Y01 H . 24.19 8.19 20.98
CAU Y01 H . 26.45 8.14 22.17
CAS Y01 H . 26.21 9.55 22.79
CBF Y01 H . 26.44 10.77 21.82
CBD Y01 H . 25.99 10.52 20.35
CAK Y01 H . 26.66 11.60 19.47
CAI Y01 H . 26.43 12.99 20.05
CAZ Y01 H . 26.02 13.24 21.30
CAV Y01 H . 25.73 14.66 21.77
CBH Y01 H . 25.85 12.13 22.35
CAD Y01 H . 24.35 12.01 22.70
CAT Y01 H . 26.67 12.56 23.60
CAR Y01 H . 26.26 13.93 24.15
CBC Y01 H . 26.44 15.03 23.08
OAW Y01 H . 25.87 16.26 23.58
CAY Y01 H . 26.54 16.90 24.57
OAG Y01 H . 27.62 16.54 25.01
CAM Y01 H . 25.70 18.02 25.20
CAL Y01 H . 26.39 18.62 26.46
CAX Y01 H . 25.51 19.61 27.20
OAH Y01 H . 25.23 19.38 28.37
OAF Y01 H . 25.20 20.63 26.63
CAA Y01 I . 7.61 24.12 -3.66
CBA Y01 I . 6.78 22.82 -3.55
CAB Y01 I . 5.38 23.18 -2.96
CAN Y01 I . 7.53 21.73 -2.72
CAJ Y01 I . 7.46 20.30 -3.32
CAO Y01 I . 6.11 19.60 -3.05
CBB Y01 I . 5.38 19.01 -4.30
CAC Y01 I . 5.13 20.12 -5.37
CBE Y01 I . 6.01 17.71 -4.93
CAP Y01 I . 6.37 16.63 -3.87
CAQ Y01 I . 5.99 15.25 -4.43
CBG Y01 I . 5.68 15.50 -5.90
CBI Y01 I . 5.11 16.92 -5.95
CAE Y01 I . 3.60 16.98 -5.53
CAU Y01 I . 5.26 17.35 -7.43
CAS Y01 I . 4.42 16.44 -8.36
CBF Y01 I . 4.50 14.88 -8.06
CBD Y01 I . 4.75 14.49 -6.58
CAK Y01 I . 5.27 13.05 -6.54
CAI Y01 I . 4.39 12.15 -7.40
CAZ Y01 I . 3.53 12.57 -8.32
CAV Y01 I . 2.65 11.61 -9.09
CBH Y01 I . 3.31 14.05 -8.66
CAD Y01 I . 1.94 14.47 -8.06
CAT Y01 I . 3.32 14.26 -10.21
CAR Y01 I . 2.40 13.28 -10.97
CBC Y01 I . 2.73 11.83 -10.61
OAW Y01 I . 1.71 10.99 -11.20
CAY Y01 I . 1.75 10.49 -12.48
OAG Y01 I . 0.75 10.01 -12.98
CAM Y01 I . 3.11 10.53 -13.19
CAL Y01 I . 3.11 9.77 -14.55
CAX Y01 I . 2.98 8.26 -14.44
OAH Y01 I . 3.04 7.72 -13.34
OAF Y01 I . 2.90 7.63 -15.48
CAA Y01 J . 29.70 6.01 6.47
CBA Y01 J . 29.36 6.91 7.68
CAB Y01 J . 29.16 8.38 7.24
CAN Y01 J . 28.16 6.37 8.51
CAJ Y01 J . 26.83 6.26 7.71
CAO Y01 J . 25.63 5.64 8.47
CBB Y01 J . 25.89 4.22 9.10
CAC Y01 J . 26.19 4.39 10.62
CBE Y01 J . 24.76 3.14 8.91
CAP Y01 J . 23.28 3.64 9.04
CAQ Y01 J . 22.46 2.81 8.02
CBG Y01 J . 23.40 1.67 7.65
CBI Y01 J . 24.81 2.30 7.61
CAE Y01 J . 25.04 3.20 6.36
CAU Y01 J . 25.83 1.13 7.62
CAS Y01 J . 25.60 0.15 6.44
CBF Y01 J . 24.11 -0.36 6.31
CBD Y01 J . 23.07 0.81 6.40
CAK Y01 J . 21.63 0.28 6.50
CAI Y01 J . 21.40 -0.94 5.64
CAZ Y01 J . 22.34 -1.61 4.97
CAV Y01 J . 21.95 -2.68 3.96
CBH Y01 J . 23.85 -1.30 5.08
CAD Y01 J . 24.34 -0.62 3.76
CAT Y01 J . 24.59 -2.67 5.28
CAR Y01 J . 24.30 -3.71 4.17
CBC Y01 J . 22.79 -3.99 3.98
OAW Y01 J . 22.64 -4.62 2.68
CAY Y01 J . 21.43 -5.09 2.27
OAG Y01 J . 20.43 -5.16 2.96
CAM Y01 J . 21.41 -5.35 0.77
CAL Y01 J . 22.08 -6.69 0.39
CAX Y01 J . 21.97 -6.97 -1.09
OAH Y01 J . 20.92 -7.33 -1.54
OAF Y01 J . 22.95 -6.87 -1.77
CAA Y01 K . 21.12 13.86 11.07
CBA Y01 K . 22.56 13.31 10.94
CAB Y01 K . 22.67 11.97 11.67
CAN Y01 K . 23.63 14.34 11.38
CAJ Y01 K . 23.55 14.81 12.85
CAO Y01 K . 24.58 15.91 13.23
CBB Y01 K . 26.06 15.42 13.25
CAC Y01 K . 26.71 15.66 11.86
CBE Y01 K . 26.91 16.11 14.40
CAP Y01 K . 26.34 15.88 15.82
CAQ Y01 K . 27.53 15.87 16.80
CBG Y01 K . 28.71 16.30 15.93
CBI Y01 K . 28.41 15.71 14.55
CAE Y01 K . 28.58 14.16 14.50
CAU Y01 K . 29.40 16.39 13.55
CAS Y01 K . 30.87 16.16 13.96
CBF Y01 K . 31.18 16.56 15.44
CBD Y01 K . 30.14 16.04 16.46
CAK Y01 K . 30.36 16.74 17.83
CAI Y01 K . 31.83 16.87 18.19
CAZ Y01 K . 32.85 16.64 17.36
CAV Y01 K . 34.30 16.75 17.84
CBH Y01 K . 32.66 16.23 15.89
CAD Y01 K . 32.97 14.71 15.77
CAT Y01 K . 33.64 17.03 14.97
CAR Y01 K . 35.09 17.05 15.46
CBC Y01 K . 35.18 17.59 16.90
OAW Y01 K . 36.56 17.49 17.33
CAY Y01 K . 37.49 18.34 16.83
OAG Y01 K . 37.22 19.30 16.12
CAM Y01 K . 38.92 17.91 17.18
CAL Y01 K . 39.25 18.12 18.68
CAX Y01 K . 40.71 17.79 18.99
OAH Y01 K . 40.96 16.71 19.51
OAF Y01 K . 41.54 18.64 18.79
CAA Y01 L . 4.68 4.06 37.66
CBA Y01 L . 3.93 5.36 37.27
CAB Y01 L . 3.87 5.48 35.73
CAN Y01 L . 4.58 6.63 37.89
CAJ Y01 L . 4.55 6.67 39.44
CAO Y01 L . 5.25 7.94 39.99
CBB Y01 L . 6.07 7.68 41.29
CAC Y01 L . 7.35 6.85 40.95
CBE Y01 L . 6.42 9.01 42.05
CAP Y01 L . 5.16 9.84 42.43
CAQ Y01 L . 5.49 10.60 43.74
CBG Y01 L . 6.98 10.32 43.99
CBI Y01 L . 7.22 8.90 43.40
CAE Y01 L . 6.63 7.75 44.29
CAU Y01 L . 8.77 8.77 43.27
CAS Y01 L . 9.49 8.91 44.64
CBF Y01 L . 9.04 10.16 45.50
CBD Y01 L . 7.51 10.46 45.44
CAK Y01 L . 7.25 11.86 46.01
CAI Y01 L . 7.89 11.99 47.38
CAZ Y01 L . 8.86 11.20 47.85
CAV Y01 L . 9.35 11.33 49.29
CBH Y01 L . 9.56 10.13 47.00
CAD Y01 L . 9.31 8.72 47.64
CAT Y01 L . 11.08 10.47 47.02
CAR Y01 L . 11.68 10.50 48.45
CBC Y01 L . 10.89 11.41 49.44
OAW Y01 L . 11.23 10.95 50.77
CAY Y01 L . 12.15 11.56 51.57
OAG Y01 L . 12.82 10.92 52.37
CAM Y01 L . 11.98 13.09 51.68
CAL Y01 L . 10.59 13.50 52.23
CAX Y01 L . 10.36 15.00 52.20
OAH Y01 L . 10.98 15.69 53.00
OAF Y01 L . 9.54 15.44 51.43
CAA Y01 M . 27.52 11.70 7.98
CBA Y01 M . 26.16 10.99 7.80
CAB Y01 M . 25.51 10.73 9.17
CAN Y01 M . 25.23 11.80 6.86
CAJ Y01 M . 24.83 11.04 5.58
CAO Y01 M . 23.81 9.90 5.86
CBB Y01 M . 23.82 8.77 4.79
CAC Y01 M . 25.06 7.87 5.03
CBE Y01 M . 22.49 7.96 4.84
CAP Y01 M . 21.24 8.83 4.51
CAQ Y01 M . 20.23 7.92 3.80
CBG Y01 M . 20.82 6.53 3.93
CBI Y01 M . 22.34 6.74 3.88
CAE Y01 M . 22.86 7.10 2.45
CAU Y01 M . 22.98 5.44 4.40
CAS Y01 M . 22.57 4.22 3.53
CBF Y01 M . 21.03 4.08 3.30
CBD Y01 M . 20.33 5.42 2.96
CAK Y01 M . 18.80 5.24 3.05
CAI Y01 M . 18.35 3.99 2.33
CAZ Y01 M . 19.14 2.99 1.96
CAV Y01 M . 18.61 1.81 1.16
CBH Y01 M . 20.64 2.96 2.26
CAD Y01 M . 21.42 3.14 0.92
CAT Y01 M . 20.98 1.59 2.90
CAR Y01 M . 20.55 0.38 2.06
CBC Y01 M . 19.06 0.43 1.70
OAW Y01 M . 18.74 -0.64 0.78
CAY Y01 M . 19.31 -0.78 -0.46
OAG Y01 M . 20.03 0.04 -0.99
CAM Y01 M . 18.80 -2.05 -1.16
CAL Y01 M . 18.93 -2.02 -2.72
CAX Y01 M . 20.37 -1.92 -3.23
OAH Y01 M . 21.24 -2.54 -2.66
OAF Y01 M . 20.57 -1.24 -4.22
CAA Y01 N . 24.01 1.41 27.47
CBA Y01 N . 25.27 2.04 26.81
CAB Y01 N . 25.71 1.20 25.59
CAN Y01 N . 26.42 2.17 27.86
CAJ Y01 N . 26.84 3.63 28.16
CAO Y01 N . 25.70 4.53 28.73
CBB Y01 N . 26.15 5.40 29.94
CAC Y01 N . 27.34 6.33 29.56
CBE Y01 N . 24.94 6.22 30.56
CAP Y01 N . 23.70 5.34 30.92
CAQ Y01 N . 23.01 5.99 32.14
CBG Y01 N . 23.78 7.29 32.38
CBI Y01 N . 25.22 7.01 31.87
CAE Y01 N . 26.05 6.12 32.87
CAU Y01 N . 25.86 8.40 31.70
CAS Y01 N . 25.96 9.15 33.04
CBF Y01 N . 24.65 9.17 33.90
CBD Y01 N . 23.76 7.88 33.80
CAK Y01 N . 22.35 8.24 34.32
CAI Y01 N . 22.44 8.96 35.66
CAZ Y01 N . 23.55 9.50 36.17
CAV Y01 N . 23.56 10.07 37.59
CBH Y01 N . 24.88 9.55 35.41
CAD Y01 N . 25.89 8.57 36.10
CAT Y01 N . 25.39 11.00 35.48
CAR Y01 N . 25.72 11.44 36.91
CBC Y01 N . 24.57 11.22 37.93
OAW Y01 N . 25.14 10.86 39.21
CAY Y01 N . 25.93 11.62 40.06
OAG Y01 N . 26.35 11.17 41.10
CAM Y01 N . 26.29 13.05 39.60
CAL Y01 N . 27.75 13.11 39.04
CAX Y01 N . 28.08 14.39 38.27
OAH Y01 N . 27.24 14.88 37.53
OAF Y01 N . 29.18 14.88 38.44
CAA Y01 O . -3.41 20.85 21.61
CBA Y01 O . -4.46 21.80 22.21
CAB Y01 O . -5.86 21.41 21.67
CAN Y01 O . -4.14 23.27 21.88
CAJ Y01 O . -3.08 23.86 22.82
CAO Y01 O . -2.66 25.28 22.38
CBB Y01 O . -1.88 26.09 23.47
CAC Y01 O . -0.78 25.22 24.13
CBE Y01 O . -1.30 27.42 22.85
CAP Y01 O . -2.43 28.31 22.25
CAQ Y01 O . -2.03 29.78 22.47
CBG Y01 O . -0.60 29.72 23.02
CBI Y01 O . -0.51 28.39 23.79
CAE Y01 O . -1.21 28.48 25.19
CAU Y01 O . 1.02 28.10 23.91
CAS Y01 O . 1.77 29.24 24.67
CBF Y01 O . 1.38 30.72 24.28
CBD Y01 O . -0.12 30.92 23.87
CAK Y01 O . -0.29 32.27 23.16
CAI Y01 O . 0.46 33.38 23.87
CAZ Y01 O . 1.35 33.20 24.85
CAV Y01 O . 1.96 34.37 25.61
CBH Y01 O . 1.81 31.81 25.33
CAD Y01 O . 1.16 31.58 26.74
CAT Y01 O . 3.37 31.75 25.44
CAR Y01 O . 3.98 32.96 26.19
CBC Y01 O . 3.49 34.30 25.63
OAW Y01 O . 3.98 35.34 26.51
CAY Y01 O . 5.30 35.72 26.49
OAG Y01 O . 5.85 36.11 27.50
CAM Y01 O . 5.79 36.09 25.08
CAL Y01 O . 7.12 36.89 25.06
CAX Y01 O . 8.31 36.09 25.55
OAH Y01 O . 8.38 34.90 25.25
OAF Y01 O . 9.13 36.65 26.25
CAA Y01 P . -0.82 1.76 19.43
CBA Y01 P . -0.34 0.42 20.03
CAB Y01 P . 0.61 0.67 21.23
CAN Y01 P . -1.53 -0.47 20.46
CAJ Y01 P . -2.39 -0.94 19.26
CAO Y01 P . -3.45 -2.00 19.65
CBB Y01 P . -2.83 -3.35 20.14
CAC Y01 P . -3.10 -3.49 21.67
CBE Y01 P . -3.37 -4.56 19.32
CAP Y01 P . -3.02 -4.44 17.80
CAQ Y01 P . -2.89 -5.89 17.25
CBG Y01 P . -3.31 -6.78 18.42
CBI Y01 P . -2.88 -5.99 19.69
CAE Y01 P . -1.32 -6.01 19.90
CAU Y01 P . -3.60 -6.66 20.89
CAS Y01 P . -3.21 -8.15 21.02
CBF Y01 P . -3.36 -8.98 19.69
CBD Y01 P . -2.85 -8.26 18.41
CAK Y01 P . -3.38 -9.00 17.16
CAI Y01 P . -3.21 -10.50 17.28
CAZ Y01 P . -2.92 -11.15 18.42
CAV Y01 P . -2.74 -12.67 18.44
CBH Y01 P . -2.76 -10.44 19.79
CAD Y01 P . -1.24 -10.43 20.14
CAT Y01 P . -3.55 -11.20 20.90
CAR Y01 P . -3.29 -12.71 20.92
CBC Y01 P . -3.60 -13.32 19.54
OAW Y01 P . -3.29 -14.73 19.60
CAY Y01 P . -4.03 -15.61 20.34
OAG Y01 P . -3.55 -16.66 20.73
CAM Y01 P . -5.54 -15.31 20.44
CAL Y01 P . -6.26 -15.39 19.06
CAX Y01 P . -7.63 -14.69 19.08
OAH Y01 P . -7.73 -13.63 18.49
OAF Y01 P . -8.56 -15.26 19.61
CAA Y01 Q . -5.52 25.78 18.23
CBA Y01 Q . -5.18 25.17 16.86
CAB Y01 Q . -4.94 23.65 17.01
CAN Y01 Q . -3.95 25.84 16.19
CAJ Y01 Q . -4.19 27.32 15.79
CAO Y01 Q . -2.96 27.97 15.10
CBB Y01 Q . -1.74 28.28 16.04
CAC Y01 Q . -0.43 27.90 15.31
CBE Y01 Q . -1.75 29.78 16.52
CAP Y01 Q . -3.02 30.15 17.34
CAQ Y01 Q . -2.63 31.33 18.27
CBG Y01 Q . -1.18 31.66 17.86
CBI Y01 Q . -0.56 30.31 17.41
CAE Y01 Q . -0.28 29.34 18.60
CAU Y01 Q . 0.75 30.66 16.67
CAS Y01 Q . 1.71 31.49 17.54
CBF Y01 Q . 1.06 32.79 18.16
CBD Y01 Q . -0.32 32.49 18.83
CAK Y01 Q . -1.04 33.81 19.20
CAI Y01 Q . -0.09 34.86 19.77
CAZ Y01 Q . 1.24 34.78 19.74
CAV Y01 Q . 2.09 35.88 20.39
CBH Y01 Q . 2.01 33.61 19.11
CAD Y01 Q . 2.58 32.71 20.24
CAT Y01 Q . 3.19 34.16 18.24
CAR Y01 Q . 4.08 35.17 18.97
CBC Y01 Q . 3.24 36.35 19.47
OAW Y01 Q . 4.12 37.32 20.10
CAY Y01 Q . 4.89 37.01 21.19
OAG Y01 Q . 4.49 36.41 22.15
CAM Y01 Q . 6.37 37.05 20.82
CAL Y01 Q . 7.13 35.75 21.25
CAX Y01 Q . 8.55 35.66 20.69
OAH Y01 Q . 8.84 34.67 20.07
OAF Y01 Q . 9.21 36.67 20.67
CAA Y01 R . 25.29 15.83 1.27
CBA Y01 R . 24.05 16.17 2.13
CAB Y01 R . 24.29 15.77 3.61
CAN Y01 R . 22.72 15.62 1.53
CAJ Y01 R . 22.24 14.22 1.98
CAO Y01 R . 22.99 13.01 1.39
CBB Y01 R . 22.63 12.68 -0.09
CAC Y01 R . 23.75 13.19 -1.00
CBE Y01 R . 22.35 11.14 -0.24
CAP Y01 R . 21.08 10.69 0.54
CAQ Y01 R . 20.50 9.46 -0.21
CBG Y01 R . 21.55 9.14 -1.26
CBI Y01 R . 22.13 10.52 -1.65
CAE Y01 R . 21.10 11.38 -2.48
CAU Y01 R . 23.42 10.24 -2.46
CAS Y01 R . 23.15 9.31 -3.67
CBF Y01 R . 22.42 7.98 -3.32
CBD Y01 R . 21.16 8.23 -2.45
CAK Y01 R . 20.61 6.88 -1.93
CAI Y01 R . 20.54 5.83 -3.02
CAZ Y01 R . 21.17 5.90 -4.20
CAV Y01 R . 20.98 4.84 -5.26
CBH Y01 R . 22.13 7.05 -4.55
CAD Y01 R . 21.52 7.87 -5.73
CAT Y01 R . 23.49 6.40 -4.98
CAR Y01 R . 23.36 5.41 -6.14
CBC Y01 R . 22.30 4.30 -5.86
OAW Y01 R . 22.08 3.52 -7.07
CAY Y01 R . 21.61 4.07 -8.24
OAG Y01 R . 21.23 5.22 -8.37
CAM Y01 R . 21.80 3.12 -9.43
CAL Y01 R . 21.77 3.87 -10.80
CAX Y01 R . 22.06 2.98 -12.00
OAH Y01 R . 22.60 3.49 -12.98
OAF Y01 R . 21.80 1.79 -11.94
CAA Y01 S . -3.57 14.77 29.20
CBA Y01 S . -4.96 15.17 29.78
CAB Y01 S . -5.22 16.68 29.70
CAN Y01 S . -6.11 14.33 29.14
CAJ Y01 S . -6.43 14.62 27.65
CAO Y01 S . -7.68 15.52 27.44
CBB Y01 S . -8.54 15.16 26.19
CAC Y01 S . -7.66 15.07 24.91
CBE Y01 S . -9.51 13.91 26.34
CAP Y01 S . -9.25 12.87 27.49
CAQ Y01 S . -10.61 12.22 27.82
CBG Y01 S . -11.59 12.83 26.79
CBI Y01 S . -11.03 14.23 26.48
CAE Y01 S . -11.27 15.25 27.65
CAU Y01 S . -11.72 14.72 25.18
CAS Y01 S . -13.27 14.80 25.34
CBF Y01 S . -13.92 13.49 25.95
CBD Y01 S . -13.12 12.84 27.12
CAK Y01 S . -13.65 11.42 27.39
CAI Y01 S . -15.17 11.37 27.36
CAZ Y01 S . -15.98 12.33 26.91
CAV Y01 S . -17.50 12.19 26.98
CBH Y01 S . -15.45 13.66 26.32
CAD Y01 S . -15.66 14.78 27.38
CAT Y01 S . -16.25 14.03 25.03
CAR Y01 S . -17.78 13.95 25.18
CBC Y01 S . -18.22 12.54 25.66
OAW Y01 S . -19.64 12.53 25.92
CAY Y01 S . -20.61 12.58 24.94
OAG Y01 S . -21.77 12.83 25.23
CAM Y01 S . -20.18 12.03 23.57
CAL Y01 S . -21.33 11.98 22.52
CAX Y01 S . -20.82 11.47 21.18
OAH Y01 S . -21.03 10.32 20.88
OAF Y01 S . -20.28 12.27 20.43
CAA Y01 T . 23.40 4.05 13.06
CBA Y01 T . 23.64 3.15 14.29
CAB Y01 T . 25.14 2.78 14.39
CAN Y01 T . 22.69 1.91 14.27
CAJ Y01 T . 23.16 0.73 13.39
CAO Y01 T . 22.06 -0.34 13.20
CBB Y01 T . 22.64 -1.68 12.67
CAC Y01 T . 22.75 -2.69 13.85
CBE Y01 T . 21.81 -2.24 11.47
CAP Y01 T . 21.83 -1.27 10.25
CAQ Y01 T . 21.70 -2.14 8.99
CBG Y01 T . 21.40 -3.53 9.52
CBI Y01 T . 22.18 -3.62 10.85
CAE Y01 T . 23.73 -3.73 10.63
CAU Y01 T . 21.66 -4.89 11.57
CAS Y01 T . 21.76 -6.17 10.69
CBF Y01 T . 21.12 -6.02 9.25
CBD Y01 T . 21.59 -4.72 8.53
CAK Y01 T . 20.79 -4.47 7.25
CAI Y01 T . 20.56 -5.73 6.44
CAZ Y01 T . 20.75 -6.98 6.89
CAV Y01 T . 20.50 -8.18 5.98
CBH Y01 T . 21.25 -7.30 8.32
CAD Y01 T . 22.73 -7.77 8.23
CAT Y01 T . 20.36 -8.44 8.94
CAR Y01 T . 20.16 -9.64 8.01
CBC Y01 T . 19.58 -9.23 6.65
OAW Y01 T . 19.54 -10.38 5.79
CAY Y01 T . 18.75 -11.49 6.02
OAG Y01 T . 19.08 -12.60 5.65
CAM Y01 T . 17.35 -11.21 6.58
CAL Y01 T . 16.35 -10.71 5.49
CAX Y01 T . 15.96 -11.79 4.46
OAH Y01 T . 16.22 -11.59 3.30
OAF Y01 T . 15.33 -12.74 4.85
#